data_9CHU
#
_entry.id   9CHU
#
_cell.length_a   1.00
_cell.length_b   1.00
_cell.length_c   1.00
_cell.angle_alpha   90.00
_cell.angle_beta   90.00
_cell.angle_gamma   90.00
#
_symmetry.space_group_name_H-M   'P 1'
#
loop_
_entity.id
_entity.type
_entity.pdbx_description
1 polymer 'Beta-2 adrenergic receptor,Calcineurin subunit B type 1'
2 polymer 'Protein phosphatase 3 catalytic subunit alpha'
3 polymer 'Peptidyl-prolyl cis-trans isomerase FKBP1A'
4 non-polymer Noradrenaline
5 non-polymer 8-DEETHYL-8-[BUT-3-ENYL]-ASCOMYCIN
#
loop_
_entity_poly.entity_id
_entity_poly.type
_entity_poly.pdbx_seq_one_letter_code
_entity_poly.pdbx_strand_id
1 'polypeptide(L)'
;DEVWVVGMGIVMSLIVLAIVFGNVLVITAIAKFERLQTVTNYFITSLACADLVMGLAVVPFGAAHILMKMWTFGNFWCEF
WTSIDVLCVTASIETLCVIAVDRYFAITSPFKYQSLLTKNKARVIILMVWIVSGLTSFLPIQMHWYRATHQEAINCYAEE
TCCDFFTNQAYAIASSIVSFYVPLVIMVFVYSRVFQEAKRQLDADEIKRLGKRFKKLDLDNSGSLSVEEFMSLPELQQNP
LVQRVIDIFDTDGNGEVDFKEFIEGVSQFSVKGDKEQKLRFAFRIYDMDKDGYISNGELFQVLKMMVGNNLKDTQLQQIV
DKTIINADKDGDGRISFEEFCAVVGGLDIHKKMVVDVKFCLKEHKALKTLGIIMGTFTLCWLPFFIVNIVHVIQDNLIRK
EVYILLNWIGYVNSGFNPLIYCRSPDFRIAF
;
A
2 'polypeptide(L)'
;SEPKAIDPKLSTTDRVVKAVPFPPSHRLTAKEVFDNDGKPRVDILKAHLMKEGRLEESVALRIITEGASILRQEKNLLDI
DAPVTVCGDIHGQFFDLMKLFEVGGSPANTRYLFLGDYVDRGYFSIECVLYLWALKILYPKTLFLLRGNHECRHLTEYFT
FKQECKIKYSERVYDACMDAFDCLPLAALMNQQFLCVHGGLSPEINTLDDIRKLDRFKEPPAYGPMCDILWSDPLEDFGN
EKTQEHFTHNTVRGCSYFYSYPAVCDFLQHNNLLSILRAHEAQDAGYRMYRKSQTTGFPSLITIFSAPNYLDVYNNKAAV
LKYENNVMNIRQFNCSPHPYWLPNFMDVFTWSLPFVGEKVTEMLVNVLNI
;
B
3 'polypeptide(L)'
;MGVQVETISPGDGRTFPKRGQTCVVHYTGMLEDGKKFDSSRDRNKPFKFMLGKQEVIRGWEEGVAQMSVGQRAKLTISPD
YAYGATGHPGIIPPHATLVFDVELLKLE
;
C
#
# COMPACT_ATOMS: atom_id res chain seq x y z
N TRP A 4 22.10 39.44 42.43
CA TRP A 4 21.87 38.83 43.74
C TRP A 4 21.96 37.31 43.64
N VAL A 5 22.11 36.66 44.79
CA VAL A 5 22.31 35.21 44.82
C VAL A 5 21.09 34.48 44.26
N VAL A 6 19.89 34.91 44.66
CA VAL A 6 18.68 34.23 44.21
C VAL A 6 18.52 34.33 42.70
N GLY A 7 18.84 35.50 42.13
CA GLY A 7 18.76 35.65 40.69
C GLY A 7 19.72 34.74 39.95
N MET A 8 20.96 34.65 40.42
CA MET A 8 21.92 33.74 39.80
C MET A 8 21.45 32.30 39.90
N GLY A 9 20.92 31.90 41.07
CA GLY A 9 20.41 30.55 41.21
C GLY A 9 19.27 30.26 40.26
N ILE A 10 18.35 31.21 40.10
CA ILE A 10 17.24 31.05 39.17
C ILE A 10 17.75 30.94 37.74
N VAL A 11 18.74 31.74 37.39
CA VAL A 11 19.30 31.71 36.04
C VAL A 11 19.92 30.34 35.76
N MET A 12 20.71 29.82 36.70
CA MET A 12 21.33 28.51 36.51
C MET A 12 20.27 27.42 36.42
N SER A 13 19.24 27.49 37.26
CA SER A 13 18.17 26.49 37.19
C SER A 13 17.49 26.51 35.83
N LEU A 14 17.18 27.70 35.32
CA LEU A 14 16.56 27.80 34.00
C LEU A 14 17.48 27.27 32.92
N ILE A 15 18.78 27.57 33.02
CA ILE A 15 19.73 27.12 32.00
C ILE A 15 19.81 25.60 31.99
N VAL A 16 19.92 24.98 33.16
CA VAL A 16 20.00 23.53 33.23
C VAL A 16 18.72 22.90 32.69
N LEU A 17 17.56 23.45 33.07
CA LEU A 17 16.30 22.91 32.60
C LEU A 17 16.19 23.00 31.08
N ALA A 18 16.57 24.15 30.52
CA ALA A 18 16.52 24.32 29.07
C ALA A 18 17.45 23.35 28.36
N ILE A 19 18.67 23.19 28.87
CA ILE A 19 19.62 22.28 28.23
C ILE A 19 19.10 20.85 28.26
N VAL A 20 18.65 20.40 29.42
CA VAL A 20 18.17 19.02 29.55
C VAL A 20 16.96 18.79 28.65
N PHE A 21 15.99 19.71 28.69
CA PHE A 21 14.77 19.53 27.91
C PHE A 21 15.08 19.52 26.42
N GLY A 22 15.91 20.45 25.95
CA GLY A 22 16.21 20.51 24.53
C GLY A 22 16.96 19.28 24.04
N ASN A 23 17.95 18.82 24.81
CA ASN A 23 18.71 17.66 24.39
C ASN A 23 17.84 16.41 24.39
N VAL A 24 17.00 16.24 25.41
CA VAL A 24 16.12 15.07 25.43
C VAL A 24 15.12 15.15 24.29
N LEU A 25 14.64 16.35 23.97
CA LEU A 25 13.74 16.51 22.83
C LEU A 25 14.41 16.08 21.53
N VAL A 26 15.65 16.50 21.33
CA VAL A 26 16.37 16.14 20.11
C VAL A 26 16.57 14.63 20.04
N ILE A 27 16.97 14.03 21.17
CA ILE A 27 17.20 12.58 21.20
C ILE A 27 15.92 11.83 20.85
N THR A 28 14.80 12.24 21.45
CA THR A 28 13.53 11.58 21.18
C THR A 28 13.11 11.78 19.73
N ALA A 29 13.30 12.99 19.20
CA ALA A 29 12.90 13.26 17.81
C ALA A 29 13.69 12.39 16.84
N ILE A 30 14.98 12.22 17.09
CA ILE A 30 15.79 11.37 16.22
C ILE A 30 15.40 9.91 16.37
N ALA A 31 15.19 9.45 17.62
CA ALA A 31 15.02 8.02 17.85
C ALA A 31 13.64 7.52 17.46
N LYS A 32 12.60 8.33 17.66
CA LYS A 32 11.24 7.80 17.60
C LYS A 32 10.72 7.70 16.16
N PHE A 33 10.86 8.77 15.38
CA PHE A 33 10.18 8.86 14.09
C PHE A 33 10.72 7.87 13.06
N GLU A 34 11.90 7.29 13.29
CA GLU A 34 12.42 6.20 12.46
C GLU A 34 12.69 6.62 11.02
N ARG A 35 12.45 7.90 10.70
CA ARG A 35 12.79 8.45 9.40
C ARG A 35 14.02 9.34 9.44
N LEU A 36 14.29 9.95 10.58
CA LEU A 36 15.51 10.75 10.77
C LEU A 36 16.56 9.90 11.45
N GLN A 37 16.97 8.84 10.76
CA GLN A 37 17.94 7.89 11.28
C GLN A 37 19.12 7.74 10.33
N THR A 38 19.53 8.84 9.71
CA THR A 38 20.74 8.84 8.91
C THR A 38 21.96 8.73 9.82
N VAL A 39 23.07 8.27 9.24
CA VAL A 39 24.31 8.16 10.01
C VAL A 39 24.71 9.51 10.60
N THR A 40 24.54 10.59 9.81
CA THR A 40 24.75 11.93 10.33
C THR A 40 23.86 12.19 11.53
N ASN A 41 22.61 11.73 11.49
CA ASN A 41 21.73 11.90 12.64
C ASN A 41 22.19 11.08 13.83
N TYR A 42 22.84 9.94 13.60
CA TYR A 42 23.40 9.18 14.71
C TYR A 42 24.56 9.94 15.36
N PHE A 43 25.41 10.56 14.54
CA PHE A 43 26.46 11.40 15.09
C PHE A 43 25.87 12.56 15.89
N ILE A 44 24.81 13.17 15.37
CA ILE A 44 24.11 14.23 16.09
C ILE A 44 23.57 13.72 17.41
N THR A 45 23.06 12.49 17.43
CA THR A 45 22.58 11.91 18.69
C THR A 45 23.72 11.74 19.68
N SER A 46 24.90 11.32 19.21
CA SER A 46 26.05 11.22 20.10
C SER A 46 26.41 12.59 20.67
N LEU A 47 26.41 13.62 19.83
CA LEU A 47 26.74 14.96 20.31
C LEU A 47 25.71 15.45 21.32
N ALA A 48 24.42 15.19 21.06
CA ALA A 48 23.38 15.58 21.99
C ALA A 48 23.49 14.84 23.31
N CYS A 49 23.86 13.55 23.27
CA CYS A 49 24.11 12.83 24.51
C CYS A 49 25.27 13.44 25.26
N ALA A 50 26.34 13.81 24.56
CA ALA A 50 27.49 14.41 25.21
C ALA A 50 27.13 15.71 25.92
N ASP A 51 26.47 16.62 25.22
CA ASP A 51 26.18 17.90 25.87
C ASP A 51 25.06 17.78 26.89
N LEU A 52 24.16 16.79 26.76
CA LEU A 52 23.19 16.53 27.82
C LEU A 52 23.89 16.05 29.08
N VAL A 53 24.85 15.13 28.94
CA VAL A 53 25.61 14.67 30.09
C VAL A 53 26.31 15.84 30.76
N MET A 54 26.99 16.67 29.97
CA MET A 54 27.72 17.78 30.57
C MET A 54 26.77 18.73 31.27
N GLY A 55 25.68 19.12 30.60
CA GLY A 55 24.67 19.94 31.23
C GLY A 55 24.25 19.37 32.57
N LEU A 56 23.57 18.22 32.52
CA LEU A 56 22.96 17.63 33.70
C LEU A 56 23.94 17.45 34.85
N ALA A 57 25.12 16.87 34.57
CA ALA A 57 26.02 16.53 35.66
C ALA A 57 26.86 17.72 36.11
N VAL A 58 27.47 18.45 35.17
CA VAL A 58 28.44 19.47 35.53
C VAL A 58 27.74 20.78 35.91
N VAL A 59 26.84 21.28 35.05
CA VAL A 59 26.39 22.68 35.19
C VAL A 59 25.74 22.95 36.54
N PRO A 60 24.80 22.13 37.04
CA PRO A 60 24.22 22.43 38.36
C PRO A 60 25.24 22.48 39.48
N PHE A 61 26.24 21.60 39.44
CA PHE A 61 27.19 21.52 40.55
C PHE A 61 28.20 22.66 40.51
N GLY A 62 28.63 23.05 39.31
CA GLY A 62 29.42 24.26 39.19
C GLY A 62 28.65 25.49 39.60
N ALA A 63 27.35 25.51 39.30
CA ALA A 63 26.49 26.58 39.78
C ALA A 63 26.45 26.62 41.30
N ALA A 64 26.32 25.46 41.94
CA ALA A 64 26.31 25.41 43.40
C ALA A 64 27.65 25.89 43.95
N HIS A 65 28.75 25.52 43.30
CA HIS A 65 30.06 25.99 43.73
C HIS A 65 30.16 27.50 43.65
N ILE A 66 29.68 28.10 42.57
CA ILE A 66 29.81 29.55 42.44
C ILE A 66 28.82 30.27 43.35
N LEU A 67 27.74 29.58 43.74
CA LEU A 67 26.72 30.25 44.56
C LEU A 67 27.05 30.16 46.05
N MET A 68 27.20 28.94 46.57
CA MET A 68 27.39 28.77 48.01
C MET A 68 28.71 29.32 48.51
N LYS A 69 29.69 29.50 47.61
CA LYS A 69 31.06 29.94 47.91
C LYS A 69 31.85 28.89 48.68
N MET A 70 31.21 27.80 49.08
CA MET A 70 31.90 26.67 49.72
C MET A 70 31.39 25.40 49.06
N TRP A 71 32.32 24.49 48.76
CA TRP A 71 32.01 23.28 48.01
C TRP A 71 32.13 22.11 48.97
N THR A 72 31.00 21.68 49.52
CA THR A 72 30.94 20.71 50.60
C THR A 72 30.66 19.30 50.10
N PHE A 73 31.18 18.94 48.94
CA PHE A 73 30.83 17.67 48.31
C PHE A 73 31.93 16.61 48.43
N GLY A 74 33.19 17.00 48.54
CA GLY A 74 34.25 16.04 48.77
C GLY A 74 35.40 16.09 47.78
N ASN A 75 36.58 15.64 48.21
CA ASN A 75 37.74 15.61 47.32
C ASN A 75 37.56 14.62 46.18
N PHE A 76 37.12 13.41 46.50
CA PHE A 76 36.81 12.44 45.46
C PHE A 76 35.79 12.99 44.49
N TRP A 77 34.74 13.62 45.01
CA TRP A 77 33.67 14.08 44.14
C TRP A 77 34.18 15.20 43.25
N CYS A 78 35.13 15.99 43.77
CA CYS A 78 35.80 17.02 42.98
C CYS A 78 36.56 16.43 41.82
N GLU A 79 37.37 15.40 42.07
CA GLU A 79 38.09 14.76 40.98
C GLU A 79 37.13 14.22 39.94
N PHE A 80 36.06 13.56 40.39
CA PHE A 80 35.10 13.01 39.44
C PHE A 80 34.47 14.11 38.60
N TRP A 81 34.11 15.22 39.23
CA TRP A 81 33.42 16.30 38.52
C TRP A 81 34.33 16.94 37.48
N THR A 82 35.57 17.26 37.86
CA THR A 82 36.46 17.87 36.88
C THR A 82 36.76 16.91 35.73
N SER A 83 36.83 15.61 36.02
CA SER A 83 37.12 14.68 34.94
C SER A 83 35.93 14.53 34.00
N ILE A 84 34.70 14.55 34.53
CA ILE A 84 33.53 14.54 33.66
C ILE A 84 33.51 15.79 32.78
N ASP A 85 33.88 16.93 33.37
CA ASP A 85 33.94 18.17 32.59
C ASP A 85 34.87 18.04 31.39
N VAL A 86 36.11 17.62 31.65
CA VAL A 86 37.09 17.49 30.58
C VAL A 86 36.63 16.47 29.54
N LEU A 87 36.06 15.36 30.01
CA LEU A 87 35.58 14.32 29.09
C LEU A 87 34.51 14.88 28.17
N CYS A 88 33.56 15.61 28.71
CA CYS A 88 32.46 16.10 27.88
C CYS A 88 32.95 17.08 26.82
N VAL A 89 33.82 18.02 27.21
CA VAL A 89 34.32 18.98 26.23
C VAL A 89 35.11 18.29 25.13
N THR A 90 36.03 17.39 25.50
CA THR A 90 36.82 16.71 24.49
C THR A 90 35.96 15.85 23.58
N ALA A 91 34.99 15.14 24.14
CA ALA A 91 34.13 14.29 23.33
C ALA A 91 33.34 15.11 22.32
N SER A 92 32.80 16.26 22.73
CA SER A 92 32.06 17.09 21.80
C SER A 92 32.96 17.58 20.67
N ILE A 93 34.16 18.07 21.01
CA ILE A 93 35.01 18.61 19.96
C ILE A 93 35.49 17.51 19.02
N GLU A 94 35.64 16.28 19.49
CA GLU A 94 36.06 15.22 18.57
C GLU A 94 34.92 14.75 17.68
N THR A 95 33.69 14.64 18.22
CA THR A 95 32.59 14.24 17.35
C THR A 95 32.28 15.30 16.31
N LEU A 96 32.57 16.58 16.60
CA LEU A 96 32.37 17.60 15.57
C LEU A 96 33.27 17.34 14.35
N CYS A 97 34.55 17.03 14.58
CA CYS A 97 35.43 16.78 13.44
C CYS A 97 35.10 15.45 12.78
N VAL A 98 34.58 14.47 13.54
CA VAL A 98 34.10 13.25 12.89
C VAL A 98 32.97 13.57 11.93
N ILE A 99 32.02 14.42 12.34
CA ILE A 99 30.95 14.83 11.44
C ILE A 99 31.51 15.54 10.21
N ALA A 100 32.51 16.41 10.42
CA ALA A 100 33.09 17.14 9.30
C ALA A 100 33.70 16.19 8.27
N VAL A 101 34.49 15.23 8.73
CA VAL A 101 35.13 14.29 7.79
C VAL A 101 34.08 13.40 7.13
N ASP A 102 33.05 13.00 7.88
CA ASP A 102 31.96 12.23 7.30
C ASP A 102 31.32 12.99 6.15
N ARG A 103 31.02 14.27 6.36
CA ARG A 103 30.39 15.05 5.30
C ARG A 103 31.33 15.25 4.11
N TYR A 104 32.63 15.41 4.38
CA TYR A 104 33.57 15.52 3.28
C TYR A 104 33.56 14.27 2.42
N PHE A 105 33.58 13.10 3.05
CA PHE A 105 33.55 11.85 2.27
C PHE A 105 32.22 11.66 1.57
N ALA A 106 31.12 12.14 2.17
CA ALA A 106 29.83 12.00 1.54
C ALA A 106 29.67 12.90 0.33
N ILE A 107 30.32 14.07 0.34
CA ILE A 107 30.22 14.97 -0.80
C ILE A 107 31.23 14.63 -1.90
N THR A 108 32.44 14.23 -1.54
CA THR A 108 33.46 14.00 -2.57
C THR A 108 33.12 12.83 -3.47
N SER A 109 32.35 11.84 -2.98
CA SER A 109 31.98 10.68 -3.79
C SER A 109 30.75 10.00 -3.20
N PRO A 110 29.54 10.40 -3.60
CA PRO A 110 28.33 9.93 -2.90
C PRO A 110 28.18 8.41 -2.87
N PHE A 111 28.52 7.72 -3.95
CA PHE A 111 28.25 6.28 -4.01
C PHE A 111 29.11 5.51 -3.03
N LYS A 112 30.39 5.87 -2.91
CA LYS A 112 31.28 5.15 -2.00
C LYS A 112 30.82 5.29 -0.56
N TYR A 113 30.44 6.50 -0.14
CA TYR A 113 29.92 6.69 1.21
C TYR A 113 28.60 5.98 1.39
N GLN A 114 27.74 6.00 0.37
CA GLN A 114 26.44 5.35 0.47
C GLN A 114 26.59 3.85 0.67
N SER A 115 27.56 3.23 -0.01
CA SER A 115 27.73 1.79 0.04
C SER A 115 28.55 1.32 1.24
N LEU A 116 29.72 1.93 1.46
CA LEU A 116 30.65 1.41 2.45
C LEU A 116 30.16 1.62 3.87
N LEU A 117 29.69 2.83 4.18
CA LEU A 117 29.34 3.16 5.57
C LEU A 117 27.94 2.65 5.90
N THR A 118 27.84 1.91 7.00
CA THR A 118 26.58 1.34 7.49
C THR A 118 26.38 1.76 8.93
N LYS A 119 25.25 1.32 9.50
CA LYS A 119 24.92 1.68 10.88
C LYS A 119 25.96 1.14 11.86
N ASN A 120 26.41 -0.10 11.65
CA ASN A 120 27.40 -0.69 12.54
C ASN A 120 28.69 0.11 12.56
N LYS A 121 29.12 0.60 11.39
CA LYS A 121 30.32 1.42 11.34
C LYS A 121 30.12 2.73 12.10
N ALA A 122 28.92 3.31 12.01
CA ALA A 122 28.64 4.52 12.77
C ALA A 122 28.75 4.27 14.26
N ARG A 123 28.15 3.19 14.75
CA ARG A 123 28.24 2.88 16.17
C ARG A 123 29.68 2.62 16.58
N VAL A 124 30.43 1.91 15.74
CA VAL A 124 31.82 1.59 16.07
C VAL A 124 32.65 2.86 16.19
N ILE A 125 32.52 3.77 15.22
CA ILE A 125 33.34 4.97 15.25
C ILE A 125 32.93 5.89 16.40
N ILE A 126 31.62 5.96 16.70
CA ILE A 126 31.17 6.79 17.82
C ILE A 126 31.75 6.27 19.12
N LEU A 127 31.66 4.95 19.34
CA LEU A 127 32.21 4.39 20.57
C LEU A 127 33.73 4.56 20.62
N MET A 128 34.40 4.43 19.48
CA MET A 128 35.84 4.59 19.45
C MET A 128 36.25 6.00 19.88
N VAL A 129 35.61 7.02 19.31
CA VAL A 129 36.00 8.38 19.64
C VAL A 129 35.62 8.70 21.10
N TRP A 130 34.47 8.20 21.56
CA TRP A 130 34.07 8.44 22.93
C TRP A 130 35.05 7.82 23.91
N ILE A 131 35.50 6.59 23.63
CA ILE A 131 36.42 5.95 24.57
C ILE A 131 37.80 6.59 24.51
N VAL A 132 38.23 7.06 23.33
CA VAL A 132 39.53 7.74 23.25
C VAL A 132 39.50 9.02 24.08
N SER A 133 38.45 9.82 23.92
CA SER A 133 38.32 11.04 24.73
C SER A 133 38.20 10.70 26.21
N GLY A 134 37.43 9.67 26.54
CA GLY A 134 37.26 9.30 27.93
C GLY A 134 38.55 8.84 28.60
N LEU A 135 39.37 8.09 27.87
CA LEU A 135 40.68 7.73 28.38
C LEU A 135 41.53 8.98 28.58
N THR A 136 41.56 9.86 27.57
CA THR A 136 42.37 11.07 27.67
C THR A 136 41.94 11.95 28.85
N SER A 137 40.67 11.87 29.25
CA SER A 137 40.20 12.71 30.35
C SER A 137 40.35 12.03 31.71
N PHE A 138 39.93 10.76 31.85
CA PHE A 138 40.11 10.08 33.13
C PHE A 138 41.58 9.90 33.49
N LEU A 139 42.38 9.35 32.57
CA LEU A 139 43.67 8.81 32.97
C LEU A 139 44.59 9.83 33.66
N PRO A 140 44.82 11.02 33.12
CA PRO A 140 45.74 11.94 33.81
C PRO A 140 45.17 12.51 35.09
N ILE A 141 43.85 12.70 35.18
CA ILE A 141 43.26 13.35 36.35
C ILE A 141 43.37 12.47 37.58
N GLN A 142 42.99 11.20 37.46
CA GLN A 142 42.95 10.32 38.63
C GLN A 142 44.34 9.97 39.12
N MET A 143 45.33 9.99 38.23
CA MET A 143 46.70 9.65 38.57
C MET A 143 47.48 10.84 39.11
N HIS A 144 46.86 12.01 39.17
CA HIS A 144 47.40 13.21 39.80
C HIS A 144 48.68 13.69 39.09
N TRP A 145 48.52 13.97 37.80
CA TRP A 145 49.60 14.57 37.02
C TRP A 145 49.57 16.09 37.02
N TYR A 146 48.54 16.72 37.59
CA TYR A 146 48.33 18.14 37.39
C TYR A 146 48.56 18.98 38.63
N ARG A 147 48.84 18.34 39.77
CA ARG A 147 48.99 19.12 41.04
C ARG A 147 50.38 19.75 41.10
N ALA A 148 50.43 21.04 41.36
CA ALA A 148 51.68 21.78 41.32
C ALA A 148 52.37 21.73 42.69
N THR A 149 53.40 22.56 42.86
CA THR A 149 54.17 22.61 44.09
C THR A 149 53.81 23.81 44.97
N HIS A 150 53.07 24.77 44.44
CA HIS A 150 52.70 25.96 45.20
C HIS A 150 51.94 25.55 46.45
N GLN A 151 52.32 26.13 47.60
CA GLN A 151 51.88 25.60 48.88
C GLN A 151 50.37 25.72 49.06
N GLU A 152 49.78 26.84 48.64
CA GLU A 152 48.33 26.98 48.79
C GLU A 152 47.59 26.07 47.83
N ALA A 153 48.19 25.71 46.71
CA ALA A 153 47.62 24.66 45.87
C ALA A 153 47.58 23.34 46.62
N ILE A 154 48.64 23.02 47.36
CA ILE A 154 48.65 21.83 48.19
C ILE A 154 47.57 21.92 49.26
N ASN A 155 47.38 23.13 49.82
CA ASN A 155 46.36 23.31 50.84
C ASN A 155 44.96 23.05 50.28
N CYS A 156 44.66 23.60 49.09
CA CYS A 156 43.39 23.33 48.44
C CYS A 156 43.25 21.86 48.09
N TYR A 157 44.36 21.19 47.75
CA TYR A 157 44.31 19.75 47.54
C TYR A 157 43.92 19.02 48.82
N ALA A 158 44.49 19.42 49.96
CA ALA A 158 44.17 18.81 51.23
C ALA A 158 42.80 19.25 51.76
N GLU A 159 42.48 20.53 51.65
CA GLU A 159 41.19 21.01 52.13
C GLU A 159 40.07 20.54 51.21
N GLU A 160 39.00 20.00 51.81
CA GLU A 160 37.90 19.46 51.01
C GLU A 160 37.12 20.56 50.31
N THR A 161 36.98 21.72 50.94
CA THR A 161 36.12 22.77 50.38
C THR A 161 36.67 23.32 49.08
N CYS A 162 37.98 23.56 49.00
CA CYS A 162 38.58 24.25 47.87
C CYS A 162 38.73 23.31 46.68
N CYS A 163 38.20 23.72 45.53
CA CYS A 163 38.47 23.06 44.26
C CYS A 163 38.89 23.99 43.14
N ASP A 164 39.45 25.15 43.42
CA ASP A 164 39.99 25.98 42.35
C ASP A 164 41.03 25.19 41.57
N PHE A 165 40.69 24.82 40.34
CA PHE A 165 41.61 24.02 39.50
C PHE A 165 42.96 24.70 39.52
N PHE A 166 43.97 23.90 39.68
CA PHE A 166 45.34 24.39 39.67
C PHE A 166 46.18 23.51 38.74
N THR A 167 46.80 24.15 37.76
CA THR A 167 47.62 23.46 36.77
C THR A 167 48.98 23.09 37.34
N ASN A 168 49.70 22.25 36.60
CA ASN A 168 51.07 21.89 36.93
C ASN A 168 52.06 22.60 36.01
N GLN A 169 51.61 23.66 35.33
CA GLN A 169 52.42 24.45 34.41
C GLN A 169 52.77 23.64 33.16
N ALA A 170 52.41 22.36 33.17
CA ALA A 170 52.62 21.44 32.06
C ALA A 170 51.34 20.72 31.67
N TYR A 171 50.46 20.44 32.62
CA TYR A 171 49.18 19.83 32.28
C TYR A 171 48.34 20.74 31.39
N ALA A 172 48.37 22.06 31.65
CA ALA A 172 47.57 22.97 30.85
C ALA A 172 47.94 22.91 29.38
N ILE A 173 49.25 23.00 29.10
CA ILE A 173 49.70 23.03 27.71
C ILE A 173 49.34 21.72 27.00
N ALA A 174 49.68 20.59 27.63
CA ALA A 174 49.43 19.31 26.99
C ALA A 174 47.94 19.07 26.78
N SER A 175 47.12 19.55 27.70
CA SER A 175 45.70 19.25 27.39
C SER A 175 45.13 20.24 26.41
N SER A 176 45.49 21.51 26.45
CA SER A 176 44.84 22.35 25.43
C SER A 176 45.22 21.88 24.04
N ILE A 177 46.47 21.47 23.83
CA ILE A 177 47.03 21.03 22.50
C ILE A 177 46.93 19.51 22.25
N VAL A 178 46.03 18.82 22.92
CA VAL A 178 45.70 17.42 22.58
C VAL A 178 44.18 17.45 22.64
N SER A 179 43.56 18.61 22.91
CA SER A 179 42.07 18.54 22.91
C SER A 179 41.34 19.66 22.20
N PHE A 180 41.92 20.81 22.19
CA PHE A 180 41.17 21.83 21.48
C PHE A 180 42.05 22.64 20.53
N TYR A 181 43.15 22.05 20.05
CA TYR A 181 43.95 22.78 19.07
C TYR A 181 44.26 21.92 17.85
N VAL A 182 44.37 20.61 18.03
CA VAL A 182 44.52 19.72 16.88
C VAL A 182 43.16 19.51 16.23
N PRO A 183 42.13 19.05 16.96
CA PRO A 183 40.82 18.89 16.32
C PRO A 183 40.27 20.18 15.77
N LEU A 184 40.57 21.33 16.37
CA LEU A 184 40.07 22.59 15.85
C LEU A 184 40.56 22.85 14.43
N VAL A 185 41.88 22.78 14.23
CA VAL A 185 42.41 23.06 12.89
C VAL A 185 41.95 21.99 11.91
N ILE A 186 41.85 20.73 12.36
CA ILE A 186 41.42 19.67 11.45
C ILE A 186 39.99 19.95 10.96
N MET A 187 39.07 20.19 11.89
CA MET A 187 37.68 20.46 11.52
C MET A 187 37.53 21.80 10.82
N VAL A 188 38.53 22.67 10.88
CA VAL A 188 38.45 23.89 10.08
C VAL A 188 38.83 23.62 8.63
N PHE A 189 40.01 23.04 8.37
CA PHE A 189 40.37 22.98 6.96
C PHE A 189 39.61 21.90 6.22
N VAL A 190 39.25 20.79 6.89
CA VAL A 190 38.45 19.78 6.21
C VAL A 190 37.12 20.38 5.75
N TYR A 191 36.47 21.14 6.61
CA TYR A 191 35.19 21.70 6.24
C TYR A 191 35.34 22.87 5.27
N SER A 192 36.49 23.55 5.29
CA SER A 192 36.76 24.51 4.22
C SER A 192 36.85 23.83 2.86
N ARG A 193 37.52 22.68 2.80
CA ARG A 193 37.52 21.90 1.56
C ARG A 193 36.11 21.43 1.20
N VAL A 194 35.28 21.16 2.19
CA VAL A 194 33.90 20.78 1.91
C VAL A 194 33.17 21.92 1.19
N PHE A 195 33.29 23.14 1.72
CA PHE A 195 32.70 24.28 1.01
C PHE A 195 33.30 24.48 -0.38
N GLN A 196 34.61 24.32 -0.53
CA GLN A 196 35.22 24.47 -1.84
C GLN A 196 34.60 23.48 -2.84
N GLU A 197 34.50 22.22 -2.45
CA GLU A 197 33.96 21.20 -3.34
C GLU A 197 32.49 21.44 -3.62
N ALA A 198 31.72 21.87 -2.62
CA ALA A 198 30.31 22.15 -2.87
C ALA A 198 30.13 23.29 -3.85
N LYS A 199 30.88 24.38 -3.68
CA LYS A 199 30.77 25.51 -4.58
C LYS A 199 31.19 25.14 -5.99
N ARG A 200 32.24 24.33 -6.14
CA ARG A 200 32.66 23.93 -7.48
C ARG A 200 31.65 22.98 -8.11
N GLN A 201 31.11 22.04 -7.34
CA GLN A 201 30.16 21.06 -7.88
C GLN A 201 28.85 21.71 -8.27
N LEU A 202 28.45 22.77 -7.57
CA LEU A 202 27.18 23.43 -7.89
C LEU A 202 27.19 24.10 -9.26
N ASP A 203 28.36 24.27 -9.88
CA ASP A 203 28.48 24.97 -11.15
C ASP A 203 29.23 24.14 -12.18
N ALA A 204 28.86 22.87 -12.32
CA ALA A 204 29.59 21.97 -13.21
C ALA A 204 28.99 21.92 -14.61
N ASP A 205 28.74 23.10 -15.19
CA ASP A 205 28.48 23.29 -16.62
C ASP A 205 27.10 22.71 -16.95
N GLU A 206 26.53 21.95 -16.03
CA GLU A 206 25.20 21.38 -16.20
C GLU A 206 24.12 22.22 -15.53
N ILE A 207 24.39 22.68 -14.30
CA ILE A 207 23.45 23.54 -13.60
C ILE A 207 23.31 24.88 -14.30
N LYS A 208 24.33 25.31 -15.04
CA LYS A 208 24.24 26.58 -15.75
C LYS A 208 23.19 26.52 -16.87
N ARG A 209 23.10 25.39 -17.57
CA ARG A 209 22.07 25.25 -18.58
C ARG A 209 20.68 25.29 -17.97
N LEU A 210 20.49 24.62 -16.82
CA LEU A 210 19.22 24.68 -16.12
C LEU A 210 18.92 26.11 -15.67
N GLY A 211 19.93 26.85 -15.25
CA GLY A 211 19.71 28.24 -14.88
C GLY A 211 19.29 29.09 -16.06
N LYS A 212 19.88 28.85 -17.22
CA LYS A 212 19.47 29.58 -18.42
C LYS A 212 18.02 29.26 -18.78
N ARG A 213 17.63 27.99 -18.72
CA ARG A 213 16.24 27.63 -19.00
C ARG A 213 15.29 28.24 -17.97
N PHE A 214 15.69 28.22 -16.70
CA PHE A 214 14.92 28.85 -15.64
C PHE A 214 14.67 30.31 -15.96
N LYS A 215 15.73 31.05 -16.28
CA LYS A 215 15.58 32.48 -16.57
C LYS A 215 14.81 32.70 -17.87
N LYS A 216 14.80 31.72 -18.77
CA LYS A 216 13.97 31.84 -19.96
C LYS A 216 12.50 31.60 -19.65
N LEU A 217 12.20 30.78 -18.65
CA LEU A 217 10.82 30.45 -18.29
C LEU A 217 10.20 31.47 -17.34
N ASP A 218 11.00 32.31 -16.71
CA ASP A 218 10.54 33.24 -15.68
C ASP A 218 9.99 34.49 -16.37
N LEU A 219 8.67 34.52 -16.57
CA LEU A 219 8.06 35.66 -17.27
C LEU A 219 8.00 36.89 -16.38
N ASP A 220 7.67 36.72 -15.10
CA ASP A 220 7.44 37.87 -14.23
C ASP A 220 8.73 38.64 -13.94
N ASN A 221 9.88 38.02 -14.18
CA ASN A 221 11.19 38.65 -13.95
C ASN A 221 11.35 39.06 -12.49
N SER A 222 10.72 38.32 -11.58
CA SER A 222 10.81 38.58 -10.15
C SER A 222 11.76 37.65 -9.43
N GLY A 223 12.42 36.75 -10.14
CA GLY A 223 13.30 35.79 -9.52
C GLY A 223 12.64 34.56 -8.95
N SER A 224 11.37 34.32 -9.27
CA SER A 224 10.67 33.14 -8.78
C SER A 224 9.52 32.79 -9.72
N LEU A 225 9.22 31.50 -9.79
CA LEU A 225 8.19 30.96 -10.68
C LEU A 225 6.89 30.76 -9.91
N SER A 226 5.81 31.34 -10.43
CA SER A 226 4.49 31.13 -9.88
C SER A 226 3.75 30.11 -10.73
N VAL A 227 2.54 29.74 -10.30
CA VAL A 227 1.79 28.68 -10.96
C VAL A 227 1.32 29.12 -12.34
N GLU A 228 0.91 30.38 -12.48
CA GLU A 228 0.47 30.87 -13.77
C GLU A 228 1.59 30.83 -14.79
N GLU A 229 2.84 30.96 -14.34
CA GLU A 229 3.96 30.85 -15.25
C GLU A 229 4.16 29.42 -15.72
N PHE A 230 3.89 28.44 -14.85
CA PHE A 230 3.96 27.05 -15.29
C PHE A 230 2.82 26.65 -16.22
N MET A 231 1.69 27.36 -16.18
CA MET A 231 0.67 26.96 -17.14
C MET A 231 0.85 27.80 -18.39
N SER A 232 1.99 28.48 -18.56
CA SER A 232 2.27 29.14 -19.83
C SER A 232 2.60 28.13 -20.91
N LEU A 233 3.19 27.01 -20.52
CA LEU A 233 3.61 25.99 -21.48
C LEU A 233 2.38 25.32 -22.07
N PRO A 234 2.15 25.41 -23.38
CA PRO A 234 0.86 24.96 -23.95
C PRO A 234 0.58 23.48 -23.76
N GLU A 235 1.60 22.65 -23.53
CA GLU A 235 1.36 21.23 -23.33
C GLU A 235 1.57 20.81 -21.88
N LEU A 236 1.72 21.77 -20.98
CA LEU A 236 1.79 21.48 -19.55
C LEU A 236 0.49 21.80 -18.83
N GLN A 237 -0.42 22.54 -19.46
CA GLN A 237 -1.64 22.98 -18.78
C GLN A 237 -2.62 21.84 -18.59
N GLN A 238 -2.79 20.99 -19.60
CA GLN A 238 -3.80 19.94 -19.54
C GLN A 238 -3.46 18.84 -18.56
N ASN A 239 -2.24 18.82 -18.03
CA ASN A 239 -1.86 17.81 -17.06
C ASN A 239 -2.77 17.89 -15.84
N PRO A 240 -3.34 16.77 -15.38
CA PRO A 240 -4.12 16.79 -14.13
C PRO A 240 -3.28 17.12 -12.90
N LEU A 241 -2.22 16.34 -12.68
CA LEU A 241 -1.43 16.45 -11.46
C LEU A 241 -0.20 17.33 -11.68
N VAL A 242 -0.44 18.56 -12.12
CA VAL A 242 0.61 19.58 -12.13
C VAL A 242 0.67 20.33 -10.81
N GLN A 243 -0.49 20.74 -10.30
CA GLN A 243 -0.52 21.51 -9.05
C GLN A 243 0.22 20.78 -7.95
N ARG A 244 -0.08 19.49 -7.78
CA ARG A 244 0.58 18.71 -6.74
C ARG A 244 2.09 18.82 -6.83
N VAL A 245 2.63 18.67 -8.04
CA VAL A 245 4.09 18.67 -8.17
C VAL A 245 4.66 20.03 -7.79
N ILE A 246 3.94 21.11 -8.11
CA ILE A 246 4.40 22.43 -7.67
C ILE A 246 4.52 22.44 -6.17
N ASP A 247 3.52 21.90 -5.47
CA ASP A 247 3.53 21.90 -4.02
C ASP A 247 4.59 20.96 -3.45
N ILE A 248 5.21 20.13 -4.28
CA ILE A 248 6.37 19.38 -3.81
C ILE A 248 7.66 20.16 -4.00
N PHE A 249 7.71 21.00 -5.04
CA PHE A 249 8.88 21.84 -5.25
C PHE A 249 8.89 23.02 -4.30
N ASP A 250 7.71 23.49 -3.90
CA ASP A 250 7.55 24.69 -3.10
C ASP A 250 7.76 24.37 -1.62
N THR A 251 9.00 23.96 -1.31
CA THR A 251 9.27 23.46 0.04
C THR A 251 9.35 24.58 1.07
N ASP A 252 9.52 25.83 0.63
CA ASP A 252 9.58 26.94 1.56
C ASP A 252 8.21 27.52 1.91
N GLY A 253 7.14 27.10 1.23
CA GLY A 253 5.80 27.49 1.58
C GLY A 253 5.40 28.89 1.18
N ASN A 254 6.27 29.63 0.50
CA ASN A 254 5.99 31.03 0.17
C ASN A 254 5.08 31.19 -1.04
N GLY A 255 4.76 30.10 -1.75
CA GLY A 255 3.99 30.18 -2.97
C GLY A 255 4.78 30.35 -4.24
N GLU A 256 6.11 30.42 -4.15
CA GLU A 256 6.96 30.66 -5.30
C GLU A 256 8.09 29.65 -5.33
N VAL A 257 8.53 29.31 -6.54
CA VAL A 257 9.65 28.41 -6.77
C VAL A 257 10.79 29.24 -7.34
N ASP A 258 11.98 29.10 -6.76
CA ASP A 258 13.15 29.84 -7.21
C ASP A 258 14.29 28.88 -7.51
N PHE A 259 15.37 29.42 -8.08
CA PHE A 259 16.44 28.59 -8.61
C PHE A 259 17.12 27.73 -7.57
N LYS A 260 17.08 28.12 -6.29
CA LYS A 260 17.74 27.34 -5.26
C LYS A 260 17.03 26.02 -5.02
N GLU A 261 15.71 25.98 -5.22
CA GLU A 261 14.90 24.80 -4.96
C GLU A 261 14.34 24.15 -6.22
N PHE A 262 14.35 24.87 -7.34
CA PHE A 262 14.01 24.25 -8.63
C PHE A 262 14.97 23.11 -8.96
N ILE A 263 16.28 23.37 -8.83
CA ILE A 263 17.26 22.34 -9.16
C ILE A 263 17.20 21.20 -8.15
N GLU A 264 16.94 21.51 -6.87
CA GLU A 264 16.82 20.46 -5.88
C GLU A 264 15.61 19.58 -6.18
N GLY A 265 14.51 20.17 -6.64
CA GLY A 265 13.36 19.38 -7.02
C GLY A 265 13.62 18.51 -8.24
N VAL A 266 14.26 19.08 -9.27
CA VAL A 266 14.53 18.31 -10.47
C VAL A 266 15.58 17.23 -10.20
N SER A 267 16.60 17.55 -9.40
CA SER A 267 17.65 16.59 -9.10
C SER A 267 17.13 15.40 -8.29
N GLN A 268 15.93 15.49 -7.75
CA GLN A 268 15.30 14.34 -7.12
C GLN A 268 15.08 13.21 -8.11
N PHE A 269 15.08 13.52 -9.41
CA PHE A 269 14.90 12.54 -10.47
C PHE A 269 16.17 12.50 -11.30
N SER A 270 16.74 11.31 -11.46
CA SER A 270 17.97 11.18 -12.23
C SER A 270 18.07 9.76 -12.76
N VAL A 271 18.96 9.59 -13.73
CA VAL A 271 19.20 8.25 -14.28
C VAL A 271 19.81 7.34 -13.24
N LYS A 272 20.66 7.89 -12.36
CA LYS A 272 21.33 7.12 -11.33
C LYS A 272 20.88 7.50 -9.92
N GLY A 273 19.74 8.18 -9.79
CA GLY A 273 19.26 8.56 -8.48
C GLY A 273 18.81 7.37 -7.66
N ASP A 274 18.74 7.59 -6.34
CA ASP A 274 18.37 6.52 -5.43
C ASP A 274 16.93 6.08 -5.65
N LYS A 275 16.68 4.79 -5.43
CA LYS A 275 15.32 4.27 -5.49
C LYS A 275 14.46 4.85 -4.38
N GLU A 276 15.03 5.02 -3.19
CA GLU A 276 14.27 5.54 -2.07
C GLU A 276 13.79 6.97 -2.33
N GLN A 277 14.62 7.79 -2.98
CA GLN A 277 14.21 9.16 -3.29
C GLN A 277 12.98 9.18 -4.19
N LYS A 278 12.98 8.35 -5.23
CA LYS A 278 11.85 8.33 -6.15
C LYS A 278 10.60 7.76 -5.48
N LEU A 279 10.76 6.73 -4.65
CA LEU A 279 9.59 6.21 -3.94
C LEU A 279 9.03 7.25 -2.96
N ARG A 280 9.90 7.99 -2.29
CA ARG A 280 9.45 9.05 -1.40
C ARG A 280 8.71 10.13 -2.17
N PHE A 281 9.22 10.49 -3.36
CA PHE A 281 8.51 11.46 -4.18
C PHE A 281 7.13 10.95 -4.59
N ALA A 282 7.04 9.67 -4.94
CA ALA A 282 5.74 9.09 -5.28
C ALA A 282 4.80 9.15 -4.08
N PHE A 283 5.33 8.91 -2.88
CA PHE A 283 4.50 9.01 -1.68
C PHE A 283 4.01 10.43 -1.45
N ARG A 284 4.87 11.42 -1.70
CA ARG A 284 4.54 12.79 -1.35
C ARG A 284 3.42 13.40 -2.21
N ILE A 285 3.00 12.71 -3.29
CA ILE A 285 1.87 13.21 -4.06
C ILE A 285 0.58 13.15 -3.24
N TYR A 286 0.44 12.12 -2.40
CA TYR A 286 -0.79 11.91 -1.65
C TYR A 286 -0.87 12.73 -0.37
N ASP A 287 0.26 13.17 0.18
CA ASP A 287 0.25 14.04 1.36
C ASP A 287 -0.17 15.45 1.01
N MET A 288 -1.46 15.74 1.03
CA MET A 288 -1.93 17.05 0.63
C MET A 288 -1.60 18.15 1.63
N ASP A 289 -1.12 17.79 2.83
CA ASP A 289 -0.73 18.79 3.82
C ASP A 289 0.68 18.57 4.35
N LYS A 290 1.42 17.61 3.80
CA LYS A 290 2.76 17.27 4.26
C LYS A 290 2.78 16.92 5.74
N ASP A 291 1.65 16.41 6.25
CA ASP A 291 1.55 16.04 7.65
C ASP A 291 2.30 14.76 7.96
N GLY A 292 2.66 13.96 6.95
CA GLY A 292 3.35 12.71 7.13
C GLY A 292 2.48 11.47 7.00
N TYR A 293 1.16 11.63 6.95
CA TYR A 293 0.24 10.51 6.87
C TYR A 293 -0.82 10.78 5.82
N ILE A 294 -1.27 9.70 5.17
CA ILE A 294 -2.26 9.79 4.11
C ILE A 294 -3.64 9.57 4.73
N SER A 295 -4.43 10.62 4.80
CA SER A 295 -5.79 10.52 5.32
C SER A 295 -6.71 9.93 4.27
N ASN A 296 -7.98 9.76 4.64
CA ASN A 296 -8.98 9.32 3.67
C ASN A 296 -9.39 10.48 2.76
N GLY A 297 -9.53 11.68 3.32
CA GLY A 297 -9.84 12.84 2.50
C GLY A 297 -8.75 13.15 1.48
N GLU A 298 -7.49 13.00 1.89
CA GLU A 298 -6.40 13.21 0.95
C GLU A 298 -6.40 12.14 -0.15
N LEU A 299 -6.51 10.87 0.23
CA LEU A 299 -6.48 9.79 -0.74
C LEU A 299 -7.71 9.78 -1.65
N PHE A 300 -8.79 10.46 -1.27
CA PHE A 300 -9.94 10.59 -2.16
C PHE A 300 -9.88 11.85 -3.01
N GLN A 301 -9.40 12.98 -2.47
CA GLN A 301 -9.31 14.19 -3.28
C GLN A 301 -8.18 14.11 -4.29
N VAL A 302 -7.13 13.32 -4.03
CA VAL A 302 -6.10 13.12 -5.03
C VAL A 302 -6.64 12.27 -6.17
N LEU A 303 -7.40 11.22 -5.86
CA LEU A 303 -7.93 10.36 -6.91
C LEU A 303 -9.08 11.00 -7.67
N LYS A 304 -9.80 11.94 -7.07
CA LYS A 304 -10.95 12.53 -7.76
C LYS A 304 -10.54 13.42 -8.92
N MET A 305 -9.30 13.92 -8.97
CA MET A 305 -8.87 14.76 -10.07
C MET A 305 -8.24 13.97 -11.21
N MET A 306 -8.03 12.67 -11.04
CA MET A 306 -7.53 11.82 -12.10
C MET A 306 -8.64 11.06 -12.81
N VAL A 307 -9.58 10.50 -12.03
CA VAL A 307 -10.69 9.73 -12.60
C VAL A 307 -11.82 10.61 -13.09
N GLY A 308 -11.76 11.92 -12.82
CA GLY A 308 -12.78 12.84 -13.27
C GLY A 308 -14.17 12.39 -12.91
N ASN A 309 -14.97 12.07 -13.92
CA ASN A 309 -16.32 11.55 -13.73
C ASN A 309 -16.52 10.27 -14.55
N ASN A 310 -15.52 9.39 -14.49
CA ASN A 310 -15.63 8.06 -15.08
C ASN A 310 -16.10 7.00 -14.09
N LEU A 311 -15.89 7.23 -12.79
CA LEU A 311 -16.48 6.42 -11.74
C LEU A 311 -17.41 7.30 -10.91
N LYS A 312 -18.53 6.72 -10.48
CA LYS A 312 -19.39 7.40 -9.55
C LYS A 312 -18.61 7.79 -8.30
N ASP A 313 -19.16 8.75 -7.56
CA ASP A 313 -18.52 9.17 -6.31
C ASP A 313 -18.53 8.04 -5.30
N THR A 314 -19.66 7.35 -5.18
CA THR A 314 -19.81 6.29 -4.18
C THR A 314 -18.85 5.13 -4.44
N GLN A 315 -18.68 4.75 -5.71
CA GLN A 315 -17.77 3.64 -6.02
C GLN A 315 -16.34 3.97 -5.61
N LEU A 316 -15.90 5.19 -5.92
CA LEU A 316 -14.55 5.61 -5.56
C LEU A 316 -14.38 5.61 -4.04
N GLN A 317 -15.38 6.13 -3.32
CA GLN A 317 -15.27 6.14 -1.87
C GLN A 317 -15.19 4.72 -1.32
N GLN A 318 -15.99 3.80 -1.85
CA GLN A 318 -15.99 2.44 -1.34
C GLN A 318 -14.64 1.77 -1.55
N ILE A 319 -14.06 1.91 -2.76
CA ILE A 319 -12.79 1.24 -3.00
C ILE A 319 -11.67 1.89 -2.18
N VAL A 320 -11.72 3.21 -1.97
CA VAL A 320 -10.73 3.85 -1.11
C VAL A 320 -10.84 3.33 0.32
N ASP A 321 -12.07 3.18 0.82
CA ASP A 321 -12.27 2.64 2.16
C ASP A 321 -11.66 1.26 2.29
N LYS A 322 -11.93 0.38 1.32
CA LYS A 322 -11.41 -0.97 1.40
C LYS A 322 -9.89 -0.98 1.35
N THR A 323 -9.30 -0.12 0.51
CA THR A 323 -7.84 -0.04 0.44
C THR A 323 -7.25 0.37 1.78
N ILE A 324 -7.79 1.42 2.39
CA ILE A 324 -7.24 1.89 3.66
C ILE A 324 -7.41 0.83 4.74
N ILE A 325 -8.56 0.16 4.77
CA ILE A 325 -8.81 -0.85 5.80
C ILE A 325 -7.85 -2.02 5.65
N ASN A 326 -7.56 -2.43 4.41
CA ASN A 326 -6.60 -3.51 4.20
C ASN A 326 -5.15 -3.06 4.34
N ALA A 327 -4.87 -1.75 4.36
CA ALA A 327 -3.50 -1.27 4.46
C ALA A 327 -3.08 -0.91 5.88
N ASP A 328 -4.01 -0.72 6.80
CA ASP A 328 -3.68 -0.34 8.18
C ASP A 328 -3.03 -1.52 8.88
N LYS A 329 -1.74 -1.39 9.17
CA LYS A 329 -1.01 -2.39 9.94
C LYS A 329 -0.77 -1.97 11.37
N ASP A 330 -1.31 -0.82 11.79
CA ASP A 330 -1.16 -0.35 13.16
C ASP A 330 -2.44 0.22 13.74
N GLY A 331 -3.54 0.27 13.00
CA GLY A 331 -4.82 0.71 13.55
C GLY A 331 -5.00 2.20 13.64
N ASP A 332 -4.08 3.01 13.12
CA ASP A 332 -4.23 4.45 13.20
C ASP A 332 -5.38 4.95 12.34
N GLY A 333 -5.56 4.35 11.15
CA GLY A 333 -6.55 4.81 10.20
C GLY A 333 -5.98 5.64 9.07
N ARG A 334 -4.67 5.83 9.00
CA ARG A 334 -4.01 6.59 7.96
C ARG A 334 -2.68 5.93 7.65
N ILE A 335 -2.35 5.84 6.37
CA ILE A 335 -1.20 5.08 5.92
C ILE A 335 0.07 5.90 6.11
N SER A 336 1.10 5.28 6.68
CA SER A 336 2.41 5.90 6.81
C SER A 336 3.28 5.49 5.62
N PHE A 337 4.54 5.92 5.63
CA PHE A 337 5.42 5.56 4.52
C PHE A 337 5.84 4.10 4.59
N GLU A 338 5.98 3.53 5.79
CA GLU A 338 6.34 2.12 5.89
C GLU A 338 5.23 1.23 5.36
N GLU A 339 3.98 1.54 5.70
CA GLU A 339 2.86 0.78 5.16
C GLU A 339 2.77 0.94 3.65
N PHE A 340 3.04 2.15 3.15
CA PHE A 340 3.06 2.38 1.70
C PHE A 340 4.12 1.52 1.03
N CYS A 341 5.35 1.53 1.56
CA CYS A 341 6.41 0.72 1.00
C CYS A 341 6.19 -0.77 1.20
N ALA A 342 5.29 -1.15 2.11
CA ALA A 342 4.85 -2.54 2.17
C ALA A 342 3.86 -2.85 1.05
N VAL A 343 2.97 -1.90 0.75
CA VAL A 343 1.99 -2.10 -0.32
C VAL A 343 2.68 -2.01 -1.68
N VAL A 344 3.27 -0.85 -1.98
CA VAL A 344 4.01 -0.66 -3.20
C VAL A 344 5.47 -1.02 -2.94
N GLY A 345 6.17 -1.43 -3.99
CA GLY A 345 7.47 -2.05 -3.82
C GLY A 345 7.41 -3.48 -4.33
N GLY A 346 7.98 -3.69 -5.51
CA GLY A 346 7.72 -4.86 -6.33
C GLY A 346 7.07 -4.51 -7.66
N LEU A 347 6.30 -3.42 -7.68
CA LEU A 347 5.88 -2.84 -8.95
C LEU A 347 7.06 -2.35 -9.76
N ASP A 348 8.14 -1.98 -9.08
CA ASP A 348 9.31 -1.37 -9.72
C ASP A 348 8.91 -0.15 -10.54
N ILE A 349 8.35 0.84 -9.83
CA ILE A 349 7.93 2.08 -10.47
C ILE A 349 9.03 3.14 -10.43
N HIS A 350 10.06 2.96 -9.60
CA HIS A 350 11.16 3.91 -9.56
C HIS A 350 11.92 3.96 -10.87
N LYS A 351 11.73 2.97 -11.74
CA LYS A 351 12.37 2.97 -13.05
C LYS A 351 11.62 3.79 -14.08
N LYS A 352 10.40 4.24 -13.77
CA LYS A 352 9.59 4.99 -14.70
C LYS A 352 9.69 6.50 -14.51
N MET A 353 10.32 6.96 -13.44
CA MET A 353 10.53 8.39 -13.20
C MET A 353 11.98 8.69 -13.52
N VAL A 354 12.24 9.04 -14.78
CA VAL A 354 13.60 9.33 -15.25
C VAL A 354 13.57 10.62 -16.06
N VAL A 355 14.55 11.48 -15.84
CA VAL A 355 14.77 12.68 -16.62
C VAL A 355 16.23 12.71 -17.01
N ASP A 356 16.54 13.41 -18.10
CA ASP A 356 17.88 13.35 -18.68
C ASP A 356 18.96 13.99 -17.81
N VAL A 357 18.59 14.71 -16.75
CA VAL A 357 19.60 15.36 -15.91
C VAL A 357 20.51 14.32 -15.28
N LYS A 358 21.80 14.66 -15.17
CA LYS A 358 22.80 13.79 -14.53
C LYS A 358 23.60 14.60 -13.51
N PHE A 359 23.06 14.70 -12.30
CA PHE A 359 23.73 15.33 -11.17
C PHE A 359 22.92 15.03 -9.91
N CYS A 360 23.62 14.78 -8.81
CA CYS A 360 23.00 14.34 -7.56
C CYS A 360 23.30 15.38 -6.48
N LEU A 361 22.44 16.38 -6.38
CA LEU A 361 22.55 17.40 -5.33
C LEU A 361 21.83 16.97 -4.06
N LYS A 362 22.18 15.78 -3.56
CA LYS A 362 21.55 15.28 -2.35
C LYS A 362 22.24 15.81 -1.09
N GLU A 363 23.57 15.82 -1.08
CA GLU A 363 24.33 16.27 0.08
C GLU A 363 24.65 17.77 -0.01
N HIS A 364 23.62 18.57 -0.19
CA HIS A 364 23.72 20.02 -0.10
C HIS A 364 22.63 20.59 0.80
N LYS A 365 21.73 19.75 1.31
CA LYS A 365 20.66 20.19 2.18
C LYS A 365 21.07 20.33 3.64
N ALA A 366 22.22 19.78 4.03
CA ALA A 366 22.68 19.77 5.41
C ALA A 366 24.11 20.25 5.50
N LEU A 367 24.42 21.36 4.84
CA LEU A 367 25.75 21.95 4.89
C LEU A 367 25.81 23.25 5.66
N LYS A 368 24.79 24.10 5.57
CA LYS A 368 24.86 25.38 6.27
C LYS A 368 24.61 25.22 7.76
N THR A 369 23.70 24.32 8.15
CA THR A 369 23.41 24.15 9.57
C THR A 369 24.62 23.58 10.32
N LEU A 370 25.32 22.60 9.71
CA LEU A 370 26.50 22.05 10.36
C LEU A 370 27.60 23.08 10.45
N GLY A 371 27.79 23.88 9.40
CA GLY A 371 28.76 24.96 9.48
C GLY A 371 28.43 25.95 10.57
N ILE A 372 27.14 26.26 10.74
CA ILE A 372 26.73 27.14 11.83
C ILE A 372 27.08 26.53 13.18
N ILE A 373 26.85 25.23 13.34
CA ILE A 373 27.18 24.57 14.60
C ILE A 373 28.67 24.66 14.87
N MET A 374 29.49 24.38 13.87
CA MET A 374 30.94 24.43 14.07
C MET A 374 31.40 25.85 14.42
N GLY A 375 30.89 26.84 13.68
CA GLY A 375 31.27 28.21 13.97
C GLY A 375 30.86 28.65 15.36
N THR A 376 29.65 28.28 15.77
CA THR A 376 29.18 28.63 17.11
C THR A 376 30.04 27.98 18.17
N PHE A 377 30.39 26.69 18.01
CA PHE A 377 31.21 26.03 19.01
C PHE A 377 32.58 26.69 19.12
N THR A 378 33.20 26.97 17.97
CA THR A 378 34.51 27.62 18.02
C THR A 378 34.43 29.00 18.66
N LEU A 379 33.43 29.79 18.28
CA LEU A 379 33.30 31.12 18.84
C LEU A 379 33.08 31.08 20.35
N CYS A 380 32.31 30.09 20.82
CA CYS A 380 32.01 30.02 22.25
C CYS A 380 33.17 29.47 23.07
N TRP A 381 33.97 28.55 22.52
CA TRP A 381 34.97 27.91 23.36
C TRP A 381 36.40 28.41 23.16
N LEU A 382 36.73 29.00 22.02
CA LEU A 382 38.10 29.48 21.81
C LEU A 382 38.53 30.57 22.79
N PRO A 383 37.72 31.58 23.12
CA PRO A 383 38.20 32.60 24.07
C PRO A 383 38.68 32.03 25.39
N PHE A 384 38.02 31.01 25.92
CA PHE A 384 38.49 30.43 27.17
C PHE A 384 39.86 29.82 27.02
N PHE A 385 40.10 29.09 25.92
CA PHE A 385 41.40 28.47 25.77
C PHE A 385 42.48 29.50 25.50
N ILE A 386 42.15 30.60 24.81
CA ILE A 386 43.15 31.65 24.60
C ILE A 386 43.49 32.33 25.93
N VAL A 387 42.49 32.52 26.78
CA VAL A 387 42.78 33.07 28.11
C VAL A 387 43.59 32.08 28.94
N ASN A 388 43.31 30.78 28.78
CA ASN A 388 44.09 29.77 29.47
C ASN A 388 45.55 29.80 29.03
N ILE A 389 45.78 29.99 27.73
CA ILE A 389 47.15 30.03 27.22
C ILE A 389 47.84 31.34 27.58
N VAL A 390 47.09 32.42 27.81
CA VAL A 390 47.68 33.62 28.38
C VAL A 390 48.05 33.41 29.85
N HIS A 391 47.21 32.69 30.58
CA HIS A 391 47.37 32.54 32.02
C HIS A 391 48.37 31.46 32.40
N VAL A 392 48.83 30.72 31.42
CA VAL A 392 49.81 29.64 31.69
C VAL A 392 50.92 30.36 32.39
N ILE A 393 51.49 31.30 31.66
CA ILE A 393 52.61 32.05 32.25
C ILE A 393 52.02 32.70 33.49
N GLN A 394 52.79 32.85 34.56
CA GLN A 394 52.28 33.39 35.86
C GLN A 394 52.16 34.89 35.66
N ASP A 395 52.33 35.33 34.43
CA ASP A 395 52.11 36.76 34.16
C ASP A 395 50.71 37.01 34.69
N ASN A 396 49.77 36.10 34.43
CA ASN A 396 48.43 36.23 35.03
C ASN A 396 48.01 37.68 34.87
N LEU A 397 47.91 38.15 33.63
CA LEU A 397 47.66 39.60 33.43
C LEU A 397 46.42 40.01 34.24
N ILE A 398 45.32 39.27 34.17
CA ILE A 398 44.17 39.55 35.08
C ILE A 398 43.46 38.20 35.18
N ARG A 399 43.16 37.73 36.39
CA ARG A 399 42.57 36.37 36.42
C ARG A 399 41.83 36.05 37.69
N LYS A 400 41.09 34.96 37.68
CA LYS A 400 40.40 34.42 38.87
C LYS A 400 39.01 34.98 38.95
N GLU A 401 38.73 36.01 38.18
CA GLU A 401 37.34 36.47 38.19
C GLU A 401 36.99 36.81 36.74
N VAL A 402 37.86 36.43 35.80
CA VAL A 402 37.48 36.59 34.38
C VAL A 402 37.47 35.15 33.93
N TYR A 403 38.23 34.36 34.62
CA TYR A 403 38.47 33.01 34.15
C TYR A 403 37.25 32.11 34.32
N ILE A 404 36.36 32.44 35.25
CA ILE A 404 35.17 31.63 35.47
C ILE A 404 34.03 32.04 34.56
N LEU A 405 33.89 33.33 34.28
CA LEU A 405 32.86 33.77 33.35
C LEU A 405 33.07 33.17 31.97
N LEU A 406 34.32 32.96 31.57
CA LEU A 406 34.58 32.36 30.27
C LEU A 406 34.28 30.87 30.27
N ASN A 407 34.51 30.22 31.40
CA ASN A 407 34.12 28.78 31.51
C ASN A 407 32.59 28.71 31.45
N TRP A 408 31.87 29.74 31.92
CA TRP A 408 30.42 29.70 31.87
C TRP A 408 29.89 30.03 30.47
N ILE A 409 30.56 30.94 29.76
CA ILE A 409 30.23 31.15 28.36
C ILE A 409 30.44 29.87 27.57
N GLY A 410 31.49 29.12 27.89
CA GLY A 410 31.69 27.83 27.25
C GLY A 410 30.60 26.82 27.58
N TYR A 411 30.18 26.80 28.85
CA TYR A 411 29.13 25.87 29.28
C TYR A 411 27.82 26.16 28.56
N VAL A 412 27.46 27.43 28.46
CA VAL A 412 26.08 27.77 28.08
C VAL A 412 25.78 27.42 26.62
N ASN A 413 26.80 27.21 25.80
CA ASN A 413 26.55 27.03 24.37
C ASN A 413 25.84 25.72 24.03
N SER A 414 25.74 24.79 24.99
CA SER A 414 25.11 23.51 24.69
C SER A 414 23.63 23.64 24.34
N GLY A 415 23.00 24.75 24.71
CA GLY A 415 21.64 24.99 24.30
C GLY A 415 21.48 25.56 22.92
N PHE A 416 22.58 25.93 22.27
CA PHE A 416 22.50 26.55 20.96
C PHE A 416 22.18 25.54 19.87
N ASN A 417 22.59 24.29 20.05
CA ASN A 417 22.37 23.27 19.01
C ASN A 417 20.89 23.00 18.74
N PRO A 418 20.02 22.78 19.74
CA PRO A 418 18.61 22.49 19.42
C PRO A 418 17.92 23.60 18.65
N LEU A 419 18.27 24.85 18.91
CA LEU A 419 17.69 25.96 18.13
C LEU A 419 18.10 25.86 16.66
N ILE A 420 19.38 25.57 16.41
CA ILE A 420 19.85 25.43 15.04
C ILE A 420 19.15 24.25 14.36
N TYR A 421 18.88 23.19 15.11
CA TYR A 421 18.13 22.06 14.55
C TYR A 421 16.70 22.44 14.22
N CYS A 422 16.03 23.16 15.12
CA CYS A 422 14.64 23.54 14.87
C CYS A 422 14.53 24.57 13.75
N ARG A 423 15.64 25.26 13.43
CA ARG A 423 15.62 26.10 12.23
C ARG A 423 15.46 25.27 10.97
N SER A 424 15.94 24.03 10.98
CA SER A 424 15.77 23.14 9.83
C SER A 424 14.30 22.75 9.69
N PRO A 425 13.79 22.59 8.46
CA PRO A 425 12.36 22.32 8.28
C PRO A 425 11.91 20.96 8.79
N ASP A 426 12.61 19.89 8.40
CA ASP A 426 12.19 18.56 8.80
C ASP A 426 12.28 18.37 10.31
N PHE A 427 13.34 18.89 10.93
CA PHE A 427 13.42 18.84 12.38
C PHE A 427 12.33 19.69 13.03
N ARG A 428 11.97 20.82 12.41
CA ARG A 428 10.91 21.66 12.95
C ARG A 428 9.58 20.92 12.95
N ILE A 429 9.22 20.29 11.83
CA ILE A 429 7.97 19.56 11.78
C ILE A 429 8.04 18.32 12.66
N ALA A 430 9.24 17.79 12.89
CA ALA A 430 9.38 16.63 13.77
C ALA A 430 9.02 16.97 15.21
N PHE A 431 9.39 18.19 15.63
CA PHE A 431 9.19 18.61 17.05
C PHE A 431 7.77 19.11 17.21
N THR B 13 -10.78 15.40 4.68
CA THR B 13 -10.80 15.25 6.13
C THR B 13 -10.70 13.79 6.53
N ASP B 14 -11.68 13.35 7.31
CA ASP B 14 -11.80 11.95 7.67
C ASP B 14 -12.59 11.17 6.63
N ARG B 15 -13.59 11.81 6.02
CA ARG B 15 -14.45 11.14 5.03
C ARG B 15 -15.09 12.23 4.19
N VAL B 16 -14.75 12.28 2.90
CA VAL B 16 -15.27 13.34 2.04
C VAL B 16 -16.76 13.15 1.80
N VAL B 17 -17.18 11.93 1.48
CA VAL B 17 -18.61 11.59 1.38
C VAL B 17 -18.90 10.55 2.46
N LYS B 18 -19.88 10.84 3.30
CA LYS B 18 -20.20 9.98 4.44
C LYS B 18 -21.51 9.24 4.28
N ALA B 19 -22.32 9.56 3.26
CA ALA B 19 -23.61 8.90 3.09
C ALA B 19 -23.46 7.41 2.86
N VAL B 20 -22.31 6.95 2.38
CA VAL B 20 -22.07 5.52 2.19
C VAL B 20 -21.61 4.93 3.52
N PRO B 21 -22.08 3.75 3.89
CA PRO B 21 -21.66 3.15 5.16
C PRO B 21 -20.20 2.74 5.14
N PHE B 22 -19.67 2.50 6.33
CA PHE B 22 -18.29 2.11 6.62
C PHE B 22 -18.22 0.62 6.92
N PRO B 23 -17.26 -0.11 6.36
CA PRO B 23 -17.10 -1.53 6.70
C PRO B 23 -16.52 -1.69 8.09
N PRO B 24 -17.12 -2.53 8.93
CA PRO B 24 -16.50 -2.82 10.23
C PRO B 24 -15.11 -3.42 10.05
N SER B 25 -14.19 -2.99 10.92
CA SER B 25 -12.79 -3.33 10.79
C SER B 25 -12.28 -4.24 11.89
N HIS B 26 -13.16 -4.98 12.55
CA HIS B 26 -12.76 -5.94 13.56
C HIS B 26 -13.24 -7.34 13.15
N ARG B 27 -12.33 -8.30 13.16
CA ARG B 27 -12.66 -9.67 12.81
C ARG B 27 -13.40 -10.34 13.97
N LEU B 28 -13.96 -11.52 13.69
CA LEU B 28 -14.71 -12.29 14.67
C LEU B 28 -13.92 -13.57 14.96
N THR B 29 -13.43 -13.71 16.18
CA THR B 29 -12.58 -14.85 16.56
C THR B 29 -13.39 -15.92 17.29
N ALA B 30 -14.30 -16.54 16.55
CA ALA B 30 -14.97 -17.79 16.93
C ALA B 30 -15.71 -17.71 18.25
N LYS B 31 -15.86 -16.52 18.83
CA LYS B 31 -16.51 -16.41 20.12
C LYS B 31 -17.97 -16.00 20.00
N GLU B 32 -18.33 -15.29 18.93
CA GLU B 32 -19.70 -14.85 18.73
C GLU B 32 -20.43 -15.63 17.64
N VAL B 33 -19.72 -16.10 16.62
CA VAL B 33 -20.37 -16.84 15.54
C VAL B 33 -20.80 -18.23 15.98
N PHE B 34 -20.23 -18.74 17.07
CA PHE B 34 -20.47 -20.10 17.54
C PHE B 34 -21.30 -20.08 18.81
N ASP B 35 -21.47 -21.27 19.41
CA ASP B 35 -22.12 -21.39 20.70
C ASP B 35 -21.41 -22.42 21.57
N GLY B 38 -22.30 -27.70 19.26
CA GLY B 38 -21.67 -26.46 18.87
C GLY B 38 -22.34 -25.79 17.68
N LYS B 39 -23.60 -25.43 17.86
CA LYS B 39 -24.35 -24.77 16.80
C LYS B 39 -23.70 -23.44 16.45
N PRO B 40 -23.54 -23.10 15.18
CA PRO B 40 -23.06 -21.76 14.82
C PRO B 40 -24.19 -20.76 14.79
N ARG B 41 -23.88 -19.51 15.12
CA ARG B 41 -24.86 -18.44 15.02
C ARG B 41 -24.96 -17.97 13.58
N VAL B 42 -26.18 -17.88 13.07
CA VAL B 42 -26.42 -17.60 11.66
C VAL B 42 -26.87 -16.17 11.43
N ASP B 43 -27.82 -15.68 12.23
CA ASP B 43 -28.36 -14.34 12.00
C ASP B 43 -27.28 -13.28 12.11
N ILE B 44 -26.43 -13.37 13.14
CA ILE B 44 -25.36 -12.39 13.25
C ILE B 44 -24.31 -12.59 12.17
N LEU B 45 -24.09 -13.83 11.74
CA LEU B 45 -23.17 -14.06 10.63
C LEU B 45 -23.70 -13.44 9.34
N LYS B 46 -25.00 -13.57 9.09
CA LYS B 46 -25.58 -12.90 7.93
C LYS B 46 -25.45 -11.38 8.06
N ALA B 47 -25.87 -10.84 9.20
CA ALA B 47 -25.88 -9.38 9.37
C ALA B 47 -24.47 -8.78 9.45
N HIS B 48 -23.45 -9.59 9.68
CA HIS B 48 -22.08 -9.09 9.63
C HIS B 48 -21.44 -9.29 8.27
N LEU B 49 -21.80 -10.36 7.55
CA LEU B 49 -21.32 -10.52 6.19
C LEU B 49 -22.08 -9.62 5.22
N MET B 50 -23.34 -9.31 5.51
CA MET B 50 -24.09 -8.31 4.77
C MET B 50 -23.44 -6.93 4.83
N LYS B 51 -22.62 -6.67 5.84
CA LYS B 51 -22.07 -5.36 6.11
C LYS B 51 -20.62 -5.23 5.69
N GLU B 52 -20.18 -6.06 4.74
CA GLU B 52 -18.79 -6.09 4.30
C GLU B 52 -17.83 -6.37 5.45
N GLY B 53 -18.25 -7.19 6.40
CA GLY B 53 -17.41 -7.56 7.52
C GLY B 53 -16.32 -8.53 7.11
N ARG B 54 -15.82 -9.26 8.09
CA ARG B 54 -14.79 -10.26 7.84
C ARG B 54 -14.75 -11.20 9.05
N LEU B 55 -13.97 -12.27 8.90
CA LEU B 55 -13.85 -13.28 9.93
C LEU B 55 -12.38 -13.60 10.15
N GLU B 56 -12.07 -14.12 11.34
CA GLU B 56 -10.71 -14.56 11.60
C GLU B 56 -10.39 -15.79 10.76
N GLU B 57 -9.10 -16.08 10.62
CA GLU B 57 -8.70 -17.20 9.77
C GLU B 57 -9.02 -18.53 10.43
N SER B 58 -8.72 -18.68 11.73
CA SER B 58 -8.92 -19.96 12.38
C SER B 58 -10.39 -20.36 12.44
N VAL B 59 -11.28 -19.39 12.68
CA VAL B 59 -12.70 -19.70 12.71
C VAL B 59 -13.19 -20.11 11.32
N ALA B 60 -12.64 -19.50 10.27
CA ALA B 60 -12.99 -19.90 8.91
C ALA B 60 -12.56 -21.34 8.63
N LEU B 61 -11.34 -21.69 9.04
CA LEU B 61 -10.90 -23.07 8.90
C LEU B 61 -11.80 -24.02 9.65
N ARG B 62 -12.23 -23.63 10.86
CA ARG B 62 -13.12 -24.49 11.65
C ARG B 62 -14.45 -24.70 10.93
N ILE B 63 -15.03 -23.63 10.40
CA ILE B 63 -16.31 -23.73 9.70
C ILE B 63 -16.18 -24.66 8.50
N ILE B 64 -15.17 -24.43 7.67
CA ILE B 64 -15.02 -25.21 6.45
C ILE B 64 -14.75 -26.68 6.76
N THR B 65 -13.93 -26.95 7.78
CA THR B 65 -13.62 -28.34 8.13
C THR B 65 -14.85 -29.05 8.68
N GLU B 66 -15.66 -28.36 9.50
CA GLU B 66 -16.89 -28.97 9.98
C GLU B 66 -17.85 -29.26 8.83
N GLY B 67 -17.97 -28.32 7.89
CA GLY B 67 -18.81 -28.58 6.72
C GLY B 67 -18.35 -29.77 5.92
N ALA B 68 -17.04 -29.90 5.73
CA ALA B 68 -16.49 -31.06 5.03
C ALA B 68 -16.80 -32.35 5.78
N SER B 69 -16.68 -32.32 7.11
CA SER B 69 -16.96 -33.53 7.89
C SER B 69 -18.41 -33.95 7.76
N ILE B 70 -19.34 -32.99 7.73
CA ILE B 70 -20.73 -33.37 7.56
C ILE B 70 -21.00 -33.86 6.14
N LEU B 71 -20.40 -33.21 5.14
CA LEU B 71 -20.67 -33.57 3.75
C LEU B 71 -20.10 -34.93 3.38
N ARG B 72 -18.95 -35.30 3.94
CA ARG B 72 -18.31 -36.55 3.55
C ARG B 72 -19.16 -37.77 3.93
N GLN B 73 -19.83 -37.71 5.08
CA GLN B 73 -20.66 -38.84 5.50
C GLN B 73 -21.91 -38.99 4.64
N GLU B 74 -22.27 -37.98 3.86
CA GLU B 74 -23.47 -38.07 3.03
C GLU B 74 -23.26 -39.07 1.90
N LYS B 75 -24.37 -39.58 1.38
CA LYS B 75 -24.31 -40.54 0.30
C LYS B 75 -23.73 -39.90 -0.95
N ASN B 76 -23.59 -40.72 -2.00
CA ASN B 76 -23.16 -40.20 -3.29
C ASN B 76 -24.33 -39.86 -4.20
N LEU B 77 -25.46 -40.53 -4.02
CA LEU B 77 -26.71 -40.22 -4.71
C LEU B 77 -27.72 -39.89 -3.61
N LEU B 78 -27.89 -38.59 -3.33
CA LEU B 78 -28.77 -38.17 -2.25
C LEU B 78 -30.21 -38.58 -2.53
N ASP B 79 -30.88 -39.05 -1.49
CA ASP B 79 -32.28 -39.41 -1.58
C ASP B 79 -33.05 -38.37 -0.76
N ILE B 80 -33.85 -37.56 -1.45
CA ILE B 80 -34.50 -36.42 -0.85
C ILE B 80 -35.99 -36.67 -0.78
N ASP B 81 -36.65 -36.04 0.19
CA ASP B 81 -38.09 -36.15 0.35
C ASP B 81 -38.75 -35.10 -0.53
N ALA B 82 -40.10 -35.06 -0.52
CA ALA B 82 -40.81 -34.34 -1.57
C ALA B 82 -40.72 -32.82 -1.44
N PRO B 83 -41.23 -32.18 -0.37
CA PRO B 83 -41.45 -30.71 -0.46
C PRO B 83 -40.15 -29.91 -0.46
N VAL B 84 -39.49 -29.85 -1.61
CA VAL B 84 -38.20 -29.18 -1.74
C VAL B 84 -38.39 -27.90 -2.54
N THR B 85 -37.33 -27.08 -2.54
CA THR B 85 -37.26 -25.83 -3.27
C THR B 85 -35.94 -25.81 -4.02
N VAL B 86 -35.94 -26.38 -5.23
CA VAL B 86 -34.70 -26.49 -6.00
C VAL B 86 -34.21 -25.09 -6.37
N CYS B 87 -32.89 -24.93 -6.47
CA CYS B 87 -32.31 -23.65 -6.83
C CYS B 87 -31.14 -23.88 -7.78
N GLY B 88 -30.79 -22.85 -8.55
CA GLY B 88 -29.79 -22.95 -9.58
C GLY B 88 -28.42 -22.51 -9.12
N ASP B 89 -27.60 -22.10 -10.09
CA ASP B 89 -26.22 -21.70 -9.80
C ASP B 89 -26.16 -20.23 -9.45
N ILE B 90 -25.37 -19.90 -8.42
CA ILE B 90 -25.31 -18.55 -7.89
C ILE B 90 -24.14 -17.76 -8.46
N HIS B 91 -22.93 -18.33 -8.42
CA HIS B 91 -21.71 -17.68 -8.92
C HIS B 91 -21.35 -16.44 -8.10
N GLY B 92 -21.36 -16.58 -6.78
CA GLY B 92 -20.79 -15.58 -5.90
C GLY B 92 -21.66 -14.37 -5.61
N GLN B 93 -22.89 -14.32 -6.12
CA GLN B 93 -23.75 -13.16 -5.90
C GLN B 93 -24.40 -13.28 -4.53
N PHE B 94 -23.66 -12.84 -3.51
CA PHE B 94 -24.10 -12.93 -2.12
C PHE B 94 -25.35 -12.11 -1.88
N PHE B 95 -25.33 -10.85 -2.31
CA PHE B 95 -26.43 -9.93 -2.05
C PHE B 95 -27.70 -10.32 -2.80
N ASP B 96 -27.60 -11.27 -3.73
CA ASP B 96 -28.78 -11.92 -4.30
C ASP B 96 -29.07 -13.25 -3.63
N LEU B 97 -28.08 -13.87 -3.01
CA LEU B 97 -28.34 -15.08 -2.25
C LEU B 97 -29.29 -14.80 -1.09
N MET B 98 -29.12 -13.67 -0.39
CA MET B 98 -30.12 -13.36 0.64
C MET B 98 -31.50 -13.16 0.04
N LYS B 99 -31.59 -12.47 -1.10
CA LYS B 99 -32.91 -12.28 -1.71
C LYS B 99 -33.54 -13.62 -2.04
N LEU B 100 -32.74 -14.57 -2.52
CA LEU B 100 -33.22 -15.93 -2.70
C LEU B 100 -33.80 -16.48 -1.41
N PHE B 101 -33.09 -16.27 -0.30
CA PHE B 101 -33.57 -16.84 0.95
C PHE B 101 -34.85 -16.18 1.43
N GLU B 102 -35.03 -14.88 1.19
CA GLU B 102 -36.30 -14.27 1.60
C GLU B 102 -37.43 -14.57 0.63
N VAL B 103 -37.13 -14.99 -0.60
CA VAL B 103 -38.20 -15.30 -1.55
C VAL B 103 -38.72 -16.71 -1.33
N GLY B 104 -37.82 -17.69 -1.25
CA GLY B 104 -38.24 -19.08 -1.16
C GLY B 104 -38.45 -19.59 0.25
N GLY B 105 -38.58 -18.69 1.22
CA GLY B 105 -38.78 -19.10 2.59
C GLY B 105 -37.47 -19.44 3.28
N SER B 106 -37.30 -18.94 4.50
CA SER B 106 -36.04 -19.13 5.21
C SER B 106 -35.84 -20.60 5.57
N PRO B 107 -34.59 -21.04 5.74
CA PRO B 107 -34.33 -22.47 5.96
C PRO B 107 -34.97 -23.03 7.21
N ALA B 108 -35.57 -22.20 8.07
CA ALA B 108 -36.17 -22.71 9.29
C ALA B 108 -37.34 -23.65 9.00
N ASN B 109 -38.16 -23.30 8.01
CA ASN B 109 -39.39 -24.03 7.74
C ASN B 109 -39.37 -24.84 6.45
N THR B 110 -38.59 -24.43 5.45
CA THR B 110 -38.55 -25.11 4.17
C THR B 110 -37.12 -25.47 3.80
N ARG B 111 -36.97 -26.50 2.97
CA ARG B 111 -35.67 -27.07 2.67
C ARG B 111 -35.27 -26.74 1.24
N TYR B 112 -33.97 -26.82 0.97
CA TYR B 112 -33.39 -26.38 -0.28
C TYR B 112 -32.54 -27.48 -0.89
N LEU B 113 -32.34 -27.38 -2.20
CA LEU B 113 -31.52 -28.33 -2.94
C LEU B 113 -30.73 -27.50 -3.95
N PHE B 114 -29.49 -27.19 -3.63
CA PHE B 114 -28.68 -26.29 -4.47
C PHE B 114 -27.98 -27.13 -5.53
N LEU B 115 -28.32 -26.90 -6.80
CA LEU B 115 -27.84 -27.76 -7.87
C LEU B 115 -26.43 -27.41 -8.30
N GLY B 116 -26.16 -26.13 -8.56
CA GLY B 116 -25.01 -25.73 -9.32
C GLY B 116 -23.88 -25.16 -8.49
N ASP B 117 -22.91 -24.58 -9.20
CA ASP B 117 -21.69 -24.03 -8.63
C ASP B 117 -21.96 -22.74 -7.89
N TYR B 118 -20.95 -22.28 -7.14
CA TYR B 118 -21.10 -21.13 -6.27
C TYR B 118 -20.02 -20.07 -6.42
N VAL B 119 -18.84 -20.41 -6.92
CA VAL B 119 -17.67 -19.62 -6.58
C VAL B 119 -17.21 -18.63 -7.66
N ASP B 120 -16.81 -19.13 -8.83
CA ASP B 120 -16.11 -18.26 -9.77
C ASP B 120 -17.04 -17.20 -10.36
N ARG B 121 -16.42 -16.17 -10.93
CA ARG B 121 -17.11 -15.10 -11.65
C ARG B 121 -17.95 -14.22 -10.73
N GLY B 122 -17.39 -13.87 -9.57
CA GLY B 122 -18.06 -13.00 -8.63
C GLY B 122 -17.10 -12.56 -7.53
N TYR B 123 -17.35 -11.40 -6.93
CA TYR B 123 -16.40 -10.85 -5.97
C TYR B 123 -16.72 -11.23 -4.53
N PHE B 124 -17.88 -11.84 -4.27
CA PHE B 124 -18.26 -12.22 -2.91
C PHE B 124 -18.47 -13.71 -2.81
N SER B 125 -17.53 -14.51 -3.32
CA SER B 125 -17.72 -15.96 -3.35
C SER B 125 -17.32 -16.61 -2.04
N ILE B 126 -16.23 -16.15 -1.41
CA ILE B 126 -15.81 -16.75 -0.14
C ILE B 126 -16.87 -16.50 0.92
N GLU B 127 -17.46 -15.31 0.94
CA GLU B 127 -18.54 -15.03 1.88
C GLU B 127 -19.73 -15.93 1.61
N CYS B 128 -20.06 -16.14 0.34
CA CYS B 128 -21.20 -16.97 -0.01
C CYS B 128 -21.01 -18.41 0.44
N VAL B 129 -19.84 -18.97 0.18
CA VAL B 129 -19.61 -20.36 0.59
C VAL B 129 -19.53 -20.47 2.11
N LEU B 130 -18.99 -19.46 2.79
CA LEU B 130 -18.96 -19.49 4.25
C LEU B 130 -20.38 -19.50 4.82
N TYR B 131 -21.24 -18.63 4.30
CA TYR B 131 -22.62 -18.60 4.78
C TYR B 131 -23.33 -19.91 4.50
N LEU B 132 -23.16 -20.45 3.29
CA LEU B 132 -23.86 -21.68 2.94
C LEU B 132 -23.40 -22.84 3.81
N TRP B 133 -22.10 -22.92 4.11
CA TRP B 133 -21.63 -24.05 4.88
C TRP B 133 -21.92 -23.90 6.36
N ALA B 134 -21.95 -22.68 6.90
CA ALA B 134 -22.46 -22.51 8.26
C ALA B 134 -23.94 -22.92 8.33
N LEU B 135 -24.72 -22.52 7.34
CA LEU B 135 -26.13 -22.91 7.31
C LEU B 135 -26.30 -24.42 7.17
N LYS B 136 -25.38 -25.07 6.48
CA LYS B 136 -25.41 -26.53 6.40
C LYS B 136 -25.02 -27.16 7.73
N ILE B 137 -24.07 -26.56 8.43
CA ILE B 137 -23.68 -27.08 9.75
C ILE B 137 -24.86 -27.03 10.70
N LEU B 138 -25.56 -25.90 10.75
CA LEU B 138 -26.65 -25.76 11.69
C LEU B 138 -27.80 -26.69 11.32
N TYR B 139 -28.19 -26.72 10.03
CA TYR B 139 -29.25 -27.58 9.53
C TYR B 139 -28.64 -28.68 8.68
N PRO B 140 -28.52 -29.91 9.18
CA PRO B 140 -27.79 -30.94 8.42
C PRO B 140 -28.68 -31.80 7.53
N LYS B 141 -29.99 -31.83 7.76
CA LYS B 141 -30.88 -32.69 7.02
C LYS B 141 -32.01 -31.92 6.35
N THR B 142 -31.84 -30.61 6.17
CA THR B 142 -32.90 -29.76 5.61
C THR B 142 -32.31 -28.76 4.62
N LEU B 143 -31.08 -28.98 4.16
CA LEU B 143 -30.50 -28.13 3.13
C LEU B 143 -29.43 -28.96 2.42
N PHE B 144 -29.72 -29.42 1.22
CA PHE B 144 -28.81 -30.31 0.50
C PHE B 144 -28.04 -29.54 -0.57
N LEU B 145 -26.74 -29.80 -0.65
CA LEU B 145 -25.86 -29.16 -1.61
C LEU B 145 -25.35 -30.18 -2.63
N LEU B 146 -25.16 -29.73 -3.87
CA LEU B 146 -24.62 -30.52 -4.97
C LEU B 146 -23.34 -29.87 -5.49
N ARG B 147 -22.76 -30.48 -6.51
CA ARG B 147 -21.45 -30.11 -7.03
C ARG B 147 -21.55 -29.67 -8.47
N GLY B 148 -20.83 -28.58 -8.81
CA GLY B 148 -20.81 -28.05 -10.15
C GLY B 148 -19.42 -28.07 -10.76
N ASN B 149 -19.35 -27.66 -12.02
CA ASN B 149 -18.08 -27.71 -12.74
C ASN B 149 -17.07 -26.68 -12.26
N HIS B 150 -17.52 -25.58 -11.65
CA HIS B 150 -16.62 -24.53 -11.21
C HIS B 150 -16.01 -24.80 -9.85
N GLU B 151 -15.93 -26.04 -9.42
CA GLU B 151 -15.46 -26.39 -8.09
C GLU B 151 -14.25 -27.32 -8.18
N CYS B 152 -13.31 -26.99 -9.06
CA CYS B 152 -12.12 -27.77 -9.32
C CYS B 152 -10.88 -26.94 -9.01
N ARG B 153 -9.71 -27.49 -9.36
CA ARG B 153 -8.47 -26.73 -9.23
C ARG B 153 -8.10 -25.98 -10.51
N HIS B 154 -8.66 -26.36 -11.65
CA HIS B 154 -8.37 -25.67 -12.91
C HIS B 154 -9.21 -24.41 -13.06
N LEU B 155 -10.53 -24.55 -12.97
CA LEU B 155 -11.43 -23.44 -13.23
C LEU B 155 -11.23 -22.32 -12.21
N THR B 156 -11.13 -22.67 -10.93
CA THR B 156 -11.04 -21.64 -9.90
C THR B 156 -9.73 -20.87 -9.98
N GLU B 157 -8.61 -21.57 -10.20
CA GLU B 157 -7.34 -20.87 -10.40
C GLU B 157 -7.40 -20.01 -11.66
N TYR B 158 -8.03 -20.54 -12.73
CA TYR B 158 -8.19 -19.77 -13.96
C TYR B 158 -9.01 -18.51 -13.73
N PHE B 159 -10.11 -18.64 -12.99
CA PHE B 159 -11.01 -17.52 -12.76
C PHE B 159 -10.60 -16.78 -11.47
N THR B 160 -11.47 -15.93 -10.95
CA THR B 160 -11.13 -14.97 -9.90
C THR B 160 -11.48 -15.46 -8.51
N PHE B 161 -11.29 -16.76 -8.22
CA PHE B 161 -11.47 -17.23 -6.85
C PHE B 161 -10.15 -17.35 -6.09
N LYS B 162 -9.10 -17.88 -6.72
CA LYS B 162 -7.83 -18.02 -6.01
C LYS B 162 -7.29 -16.66 -5.59
N GLN B 163 -7.36 -15.67 -6.47
CA GLN B 163 -6.98 -14.31 -6.11
C GLN B 163 -7.87 -13.76 -5.01
N GLU B 164 -9.15 -14.11 -5.03
CA GLU B 164 -10.08 -13.65 -4.00
C GLU B 164 -9.65 -14.13 -2.62
N CYS B 165 -9.39 -15.43 -2.49
CA CYS B 165 -8.91 -15.95 -1.21
C CYS B 165 -7.55 -15.39 -0.84
N LYS B 166 -6.68 -15.21 -1.83
CA LYS B 166 -5.35 -14.69 -1.55
C LYS B 166 -5.41 -13.27 -0.99
N ILE B 167 -6.32 -12.45 -1.51
CA ILE B 167 -6.43 -11.07 -1.04
C ILE B 167 -7.16 -11.03 0.30
N LYS B 168 -8.39 -11.53 0.34
CA LYS B 168 -9.20 -11.39 1.54
C LYS B 168 -8.60 -12.16 2.72
N TYR B 169 -8.28 -13.43 2.51
CA TYR B 169 -7.78 -14.32 3.55
C TYR B 169 -6.38 -14.80 3.16
N SER B 170 -5.89 -15.81 3.88
CA SER B 170 -4.66 -16.48 3.50
C SER B 170 -4.95 -17.65 2.56
N GLU B 171 -3.95 -18.01 1.76
CA GLU B 171 -4.11 -19.07 0.77
C GLU B 171 -4.42 -20.42 1.41
N ARG B 172 -4.07 -20.61 2.68
CA ARG B 172 -4.44 -21.84 3.37
C ARG B 172 -5.95 -22.01 3.43
N VAL B 173 -6.68 -20.90 3.53
CA VAL B 173 -8.13 -20.96 3.46
C VAL B 173 -8.57 -21.50 2.10
N TYR B 174 -7.91 -21.04 1.04
CA TYR B 174 -8.23 -21.54 -0.30
C TYR B 174 -7.99 -23.03 -0.41
N ASP B 175 -6.87 -23.50 0.12
CA ASP B 175 -6.57 -24.93 0.02
C ASP B 175 -7.58 -25.76 0.82
N ALA B 176 -7.95 -25.30 2.01
CA ALA B 176 -8.98 -25.99 2.78
C ALA B 176 -10.30 -26.00 2.02
N CYS B 177 -10.64 -24.87 1.38
CA CYS B 177 -11.89 -24.78 0.66
C CYS B 177 -11.95 -25.77 -0.49
N MET B 178 -10.82 -25.96 -1.18
CA MET B 178 -10.80 -26.96 -2.25
C MET B 178 -10.87 -28.38 -1.70
N ASP B 179 -10.11 -28.66 -0.64
CA ASP B 179 -10.17 -29.99 -0.04
C ASP B 179 -11.55 -30.31 0.50
N ALA B 180 -12.37 -29.28 0.74
CA ALA B 180 -13.73 -29.51 1.21
C ALA B 180 -14.77 -29.50 0.09
N PHE B 181 -14.54 -28.75 -0.99
CA PHE B 181 -15.35 -28.93 -2.20
C PHE B 181 -15.21 -30.28 -2.87
N ASP B 182 -14.15 -31.02 -2.54
CA ASP B 182 -13.82 -32.22 -3.30
C ASP B 182 -14.65 -33.38 -2.74
N CYS B 183 -15.59 -33.12 -1.83
CA CYS B 183 -16.33 -34.20 -1.19
C CYS B 183 -17.85 -34.07 -1.32
N LEU B 184 -18.34 -33.15 -2.14
CA LEU B 184 -19.78 -32.95 -2.28
C LEU B 184 -20.42 -34.12 -3.01
N PRO B 185 -21.71 -34.36 -2.81
CA PRO B 185 -22.42 -35.36 -3.60
C PRO B 185 -22.72 -34.82 -5.00
N LEU B 186 -23.21 -35.69 -5.87
CA LEU B 186 -23.36 -35.30 -7.26
C LEU B 186 -24.61 -35.79 -7.97
N ALA B 187 -25.52 -36.50 -7.32
CA ALA B 187 -26.69 -37.02 -8.03
C ALA B 187 -28.01 -36.47 -7.49
N ALA B 188 -28.31 -36.69 -6.21
CA ALA B 188 -29.47 -36.10 -5.55
C ALA B 188 -30.79 -36.47 -6.24
N LEU B 189 -31.13 -37.75 -6.16
CA LEU B 189 -32.47 -38.18 -6.52
C LEU B 189 -33.49 -37.45 -5.66
N MET B 190 -34.66 -37.19 -6.23
CA MET B 190 -35.67 -36.36 -5.57
C MET B 190 -37.04 -37.02 -5.66
N ASN B 191 -37.58 -37.45 -4.53
CA ASN B 191 -38.96 -37.94 -4.41
C ASN B 191 -39.21 -39.18 -5.25
N GLN B 192 -38.16 -39.94 -5.55
CA GLN B 192 -38.26 -41.17 -6.33
C GLN B 192 -38.92 -40.96 -7.69
N GLN B 193 -38.96 -39.72 -8.17
CA GLN B 193 -39.58 -39.42 -9.45
C GLN B 193 -38.65 -38.61 -10.33
N PHE B 194 -37.80 -37.78 -9.73
CA PHE B 194 -36.94 -36.87 -10.47
C PHE B 194 -35.48 -37.27 -10.32
N LEU B 195 -34.64 -36.64 -11.12
CA LEU B 195 -33.20 -36.69 -10.95
C LEU B 195 -32.68 -35.27 -11.07
N CYS B 196 -31.74 -34.90 -10.19
CA CYS B 196 -31.30 -33.51 -10.07
C CYS B 196 -29.78 -33.43 -10.18
N VAL B 197 -29.27 -33.36 -11.41
CA VAL B 197 -27.84 -33.27 -11.65
C VAL B 197 -27.51 -31.87 -12.14
N HIS B 198 -26.24 -31.49 -11.99
CA HIS B 198 -25.84 -30.14 -12.38
C HIS B 198 -25.70 -30.00 -13.89
N GLY B 199 -25.19 -31.02 -14.57
CA GLY B 199 -25.06 -31.02 -16.00
C GLY B 199 -26.12 -31.85 -16.68
N GLY B 200 -25.77 -33.08 -17.01
CA GLY B 200 -26.73 -33.97 -17.62
C GLY B 200 -26.22 -35.39 -17.65
N LEU B 201 -26.85 -36.21 -18.48
CA LEU B 201 -26.53 -37.63 -18.57
C LEU B 201 -25.15 -37.84 -19.16
N SER B 202 -24.77 -39.10 -19.32
CA SER B 202 -23.52 -39.47 -19.96
C SER B 202 -23.68 -40.85 -20.59
N PRO B 203 -23.07 -41.09 -21.75
CA PRO B 203 -23.20 -42.42 -22.38
C PRO B 203 -22.69 -43.55 -21.52
N GLU B 204 -21.69 -43.30 -20.67
CA GLU B 204 -21.17 -44.34 -19.80
C GLU B 204 -22.06 -44.59 -18.59
N ILE B 205 -23.08 -43.76 -18.37
CA ILE B 205 -24.01 -43.90 -17.26
C ILE B 205 -25.39 -44.20 -17.84
N ASN B 206 -25.92 -45.38 -17.54
CA ASN B 206 -27.20 -45.79 -18.12
C ASN B 206 -28.26 -46.08 -17.07
N THR B 207 -27.90 -46.65 -15.93
CA THR B 207 -28.81 -46.91 -14.85
C THR B 207 -28.36 -46.11 -13.63
N LEU B 208 -29.31 -45.77 -12.77
CA LEU B 208 -28.99 -44.94 -11.61
C LEU B 208 -27.89 -45.57 -10.76
N ASP B 209 -27.90 -46.90 -10.62
CA ASP B 209 -26.87 -47.56 -9.84
C ASP B 209 -25.47 -47.27 -10.37
N ASP B 210 -25.34 -46.92 -11.65
CA ASP B 210 -24.03 -46.62 -12.21
C ASP B 210 -23.40 -45.37 -11.62
N ILE B 211 -24.19 -44.48 -11.01
CA ILE B 211 -23.61 -43.34 -10.29
C ILE B 211 -23.57 -43.57 -8.79
N ARG B 212 -23.89 -44.78 -8.34
CA ARG B 212 -23.74 -45.15 -6.94
C ARG B 212 -22.38 -45.79 -6.66
N LYS B 213 -21.52 -45.93 -7.66
CA LYS B 213 -20.27 -46.67 -7.53
C LYS B 213 -19.03 -45.79 -7.54
N LEU B 214 -18.92 -44.89 -8.51
CA LEU B 214 -17.69 -44.12 -8.66
C LEU B 214 -17.48 -43.19 -7.47
N ASP B 215 -16.23 -43.02 -7.07
CA ASP B 215 -15.90 -42.14 -5.95
C ASP B 215 -15.80 -40.69 -6.41
N ARG B 216 -16.34 -39.79 -5.59
CA ARG B 216 -16.37 -38.37 -5.91
C ARG B 216 -15.28 -37.59 -5.20
N PHE B 217 -14.33 -38.27 -4.56
CA PHE B 217 -13.31 -37.61 -3.75
C PHE B 217 -12.08 -37.23 -4.55
N LYS B 218 -12.20 -37.07 -5.86
CA LYS B 218 -11.08 -36.66 -6.69
C LYS B 218 -11.53 -35.57 -7.65
N GLU B 219 -10.58 -34.74 -8.06
CA GLU B 219 -10.89 -33.65 -8.97
C GLU B 219 -11.40 -34.21 -10.29
N PRO B 220 -12.46 -33.66 -10.86
CA PRO B 220 -13.05 -34.22 -12.08
C PRO B 220 -12.01 -34.31 -13.19
N PRO B 221 -11.96 -35.43 -13.90
CA PRO B 221 -11.04 -35.55 -15.04
C PRO B 221 -11.53 -34.73 -16.22
N ALA B 222 -10.85 -34.85 -17.36
CA ALA B 222 -11.32 -34.21 -18.58
C ALA B 222 -12.30 -35.08 -19.37
N TYR B 223 -12.46 -36.34 -18.99
CA TYR B 223 -13.30 -37.28 -19.71
C TYR B 223 -13.80 -38.34 -18.75
N GLY B 224 -14.90 -39.00 -19.14
CA GLY B 224 -15.41 -40.10 -18.37
C GLY B 224 -16.82 -39.90 -17.89
N PRO B 225 -17.24 -40.71 -16.92
CA PRO B 225 -18.62 -40.58 -16.42
C PRO B 225 -18.83 -39.36 -15.54
N MET B 226 -17.89 -39.06 -14.64
CA MET B 226 -18.07 -37.90 -13.78
C MET B 226 -17.94 -36.59 -14.56
N CYS B 227 -16.90 -36.47 -15.39
CA CYS B 227 -16.73 -35.24 -16.14
C CYS B 227 -17.86 -34.97 -17.10
N ASP B 228 -18.57 -36.00 -17.54
CA ASP B 228 -19.70 -35.82 -18.44
C ASP B 228 -21.01 -35.58 -17.71
N ILE B 229 -21.02 -35.63 -16.38
CA ILE B 229 -22.21 -35.30 -15.61
C ILE B 229 -22.19 -33.85 -15.12
N LEU B 230 -21.02 -33.22 -15.10
CA LEU B 230 -20.88 -31.84 -14.66
C LEU B 230 -20.57 -30.88 -15.80
N TRP B 231 -20.34 -31.40 -17.01
CA TRP B 231 -19.97 -30.56 -18.15
C TRP B 231 -20.93 -30.67 -19.32
N SER B 232 -21.79 -31.69 -19.37
CA SER B 232 -22.63 -31.92 -20.53
C SER B 232 -23.63 -30.79 -20.76
N ASP B 233 -24.36 -30.85 -21.86
CA ASP B 233 -25.16 -29.71 -22.30
C ASP B 233 -26.12 -30.22 -23.37
N PRO B 234 -27.43 -29.98 -23.28
CA PRO B 234 -28.36 -30.54 -24.26
C PRO B 234 -28.48 -29.71 -25.52
N LEU B 235 -29.00 -30.35 -26.57
CA LEU B 235 -29.16 -29.72 -27.87
C LEU B 235 -30.17 -28.57 -27.80
N GLU B 236 -29.95 -27.58 -28.64
CA GLU B 236 -30.87 -26.47 -28.79
C GLU B 236 -31.99 -26.75 -29.78
N ASP B 237 -31.99 -27.93 -30.41
CA ASP B 237 -32.94 -28.30 -31.44
C ASP B 237 -33.47 -29.71 -31.20
N PHE B 238 -33.95 -29.97 -29.98
CA PHE B 238 -34.61 -31.23 -29.67
C PHE B 238 -35.58 -31.65 -30.77
N GLY B 239 -35.47 -32.91 -31.18
CA GLY B 239 -36.13 -33.38 -32.36
C GLY B 239 -35.26 -33.37 -33.61
N ASN B 240 -33.95 -33.18 -33.46
CA ASN B 240 -33.06 -33.12 -34.60
C ASN B 240 -32.96 -34.48 -35.28
N GLU B 241 -32.75 -34.47 -36.59
CA GLU B 241 -32.67 -35.67 -37.39
C GLU B 241 -31.54 -36.58 -36.93
N LYS B 242 -31.79 -37.88 -36.92
CA LYS B 242 -30.78 -38.85 -36.48
C LYS B 242 -29.88 -39.24 -37.65
N HIS B 246 -27.77 -37.67 -28.87
CA HIS B 246 -27.26 -38.92 -28.32
C HIS B 246 -25.85 -38.78 -27.78
N PHE B 247 -24.86 -38.71 -28.68
CA PHE B 247 -23.47 -38.64 -28.25
C PHE B 247 -22.66 -37.68 -29.12
N THR B 248 -23.31 -36.69 -29.72
CA THR B 248 -22.59 -35.69 -30.50
C THR B 248 -21.79 -34.79 -29.57
N HIS B 249 -20.52 -34.56 -29.90
CA HIS B 249 -19.70 -33.68 -29.08
C HIS B 249 -20.22 -32.26 -29.11
N ASN B 250 -19.75 -31.45 -28.16
CA ASN B 250 -20.10 -30.04 -28.12
C ASN B 250 -18.88 -29.19 -28.41
N THR B 251 -19.13 -27.97 -28.88
CA THR B 251 -18.09 -26.99 -29.14
C THR B 251 -18.07 -25.85 -28.14
N VAL B 252 -19.20 -25.56 -27.49
CA VAL B 252 -19.24 -24.48 -26.52
C VAL B 252 -18.31 -24.76 -25.36
N ARG B 253 -18.35 -25.98 -24.83
CA ARG B 253 -17.39 -26.42 -23.83
C ARG B 253 -16.20 -27.15 -24.45
N GLY B 254 -16.45 -28.00 -25.44
CA GLY B 254 -15.39 -28.83 -25.98
C GLY B 254 -14.83 -29.83 -25.00
N CYS B 255 -15.66 -30.30 -24.06
CA CYS B 255 -15.18 -31.22 -23.04
C CYS B 255 -16.13 -32.37 -22.73
N SER B 256 -17.31 -32.43 -23.33
CA SER B 256 -18.24 -33.52 -23.07
C SER B 256 -19.26 -33.56 -24.20
N TYR B 257 -20.32 -34.33 -23.99
CA TYR B 257 -21.24 -34.69 -25.06
C TYR B 257 -22.55 -33.92 -24.95
N PHE B 258 -23.15 -33.64 -26.11
CA PHE B 258 -24.54 -33.25 -26.17
C PHE B 258 -25.40 -34.47 -25.81
N TYR B 259 -26.73 -34.28 -25.83
CA TYR B 259 -27.65 -35.39 -25.73
C TYR B 259 -29.02 -34.93 -26.20
N SER B 260 -29.62 -35.68 -27.11
CA SER B 260 -30.87 -35.28 -27.73
C SER B 260 -32.06 -35.90 -27.00
N TYR B 261 -33.25 -35.58 -27.49
CA TYR B 261 -34.48 -36.09 -26.88
C TYR B 261 -34.54 -37.60 -26.76
N PRO B 262 -34.12 -38.40 -27.75
CA PRO B 262 -34.15 -39.85 -27.56
C PRO B 262 -33.32 -40.33 -26.39
N ALA B 263 -32.18 -39.69 -26.09
CA ALA B 263 -31.36 -40.15 -24.98
C ALA B 263 -32.08 -39.98 -23.65
N VAL B 264 -32.63 -38.80 -23.41
CA VAL B 264 -33.37 -38.57 -22.16
C VAL B 264 -34.61 -39.46 -22.10
N CYS B 265 -35.31 -39.62 -23.24
CA CYS B 265 -36.51 -40.45 -23.23
C CYS B 265 -36.17 -41.90 -22.91
N ASP B 266 -35.07 -42.41 -23.45
CA ASP B 266 -34.68 -43.79 -23.15
C ASP B 266 -34.22 -43.92 -21.71
N PHE B 267 -33.54 -42.89 -21.18
CA PHE B 267 -33.13 -42.92 -19.78
C PHE B 267 -34.32 -42.94 -18.84
N LEU B 268 -35.37 -42.18 -19.17
CA LEU B 268 -36.57 -42.14 -18.35
C LEU B 268 -37.51 -43.31 -18.63
N GLN B 269 -37.32 -44.05 -19.71
CA GLN B 269 -38.11 -45.25 -19.94
C GLN B 269 -37.48 -46.46 -19.28
N HIS B 270 -36.15 -46.60 -19.37
CA HIS B 270 -35.47 -47.71 -18.71
C HIS B 270 -35.59 -47.59 -17.20
N ASN B 271 -35.34 -46.41 -16.66
CA ASN B 271 -35.54 -46.13 -15.24
C ASN B 271 -36.78 -45.27 -15.08
N ASN B 272 -37.69 -45.70 -14.21
CA ASN B 272 -39.00 -45.04 -14.09
C ASN B 272 -38.82 -43.71 -13.37
N LEU B 273 -38.62 -42.63 -14.14
CA LEU B 273 -38.52 -41.29 -13.59
C LEU B 273 -39.48 -40.37 -14.34
N LEU B 274 -39.39 -39.06 -14.09
CA LEU B 274 -40.25 -38.13 -14.81
C LEU B 274 -39.48 -37.01 -15.49
N SER B 275 -38.41 -36.52 -14.88
CA SER B 275 -37.67 -35.40 -15.46
C SER B 275 -36.29 -35.31 -14.84
N ILE B 276 -35.42 -34.55 -15.53
CA ILE B 276 -34.08 -34.21 -15.06
C ILE B 276 -33.99 -32.69 -15.00
N LEU B 277 -33.29 -32.18 -13.98
CA LEU B 277 -33.08 -30.76 -13.82
C LEU B 277 -31.60 -30.44 -14.01
N ARG B 278 -31.31 -29.20 -14.41
CA ARG B 278 -29.93 -28.81 -14.66
C ARG B 278 -29.77 -27.31 -14.48
N ALA B 279 -28.52 -26.85 -14.36
CA ALA B 279 -28.29 -25.44 -14.03
C ALA B 279 -27.08 -24.85 -14.78
N HIS B 280 -26.93 -25.11 -16.08
CA HIS B 280 -25.94 -24.37 -16.87
C HIS B 280 -26.53 -23.23 -17.70
N GLU B 281 -27.44 -23.53 -18.61
CA GLU B 281 -27.79 -22.56 -19.64
C GLU B 281 -28.58 -21.42 -19.03
N ALA B 282 -27.99 -20.21 -19.07
CA ALA B 282 -28.67 -19.04 -18.54
C ALA B 282 -29.95 -18.76 -19.30
N GLN B 283 -31.02 -18.51 -18.57
CA GLN B 283 -32.33 -18.25 -19.16
C GLN B 283 -32.75 -16.82 -18.84
N ASP B 284 -33.14 -16.08 -19.88
CA ASP B 284 -33.58 -14.71 -19.68
C ASP B 284 -34.84 -14.65 -18.84
N ALA B 285 -35.70 -15.66 -18.94
CA ALA B 285 -36.84 -15.77 -18.03
C ALA B 285 -36.47 -16.42 -16.71
N GLY B 286 -35.29 -17.03 -16.61
CA GLY B 286 -34.82 -17.66 -15.41
C GLY B 286 -34.96 -19.17 -15.39
N TYR B 287 -35.90 -19.71 -16.17
CA TYR B 287 -36.10 -21.14 -16.25
C TYR B 287 -36.46 -21.50 -17.68
N ARG B 288 -36.41 -22.79 -17.98
CA ARG B 288 -36.90 -23.27 -19.27
C ARG B 288 -37.35 -24.71 -19.15
N MET B 289 -38.58 -24.98 -19.58
CA MET B 289 -39.12 -26.32 -19.66
C MET B 289 -38.99 -26.80 -21.10
N TYR B 290 -38.30 -27.93 -21.29
CA TYR B 290 -37.96 -28.39 -22.63
C TYR B 290 -39.16 -29.09 -23.26
N ARG B 291 -38.91 -29.80 -24.36
CA ARG B 291 -40.00 -30.40 -25.13
C ARG B 291 -40.81 -31.36 -24.28
N LYS B 292 -42.13 -31.31 -24.46
CA LYS B 292 -43.04 -32.10 -23.64
C LYS B 292 -42.84 -33.59 -23.90
N SER B 293 -42.82 -34.36 -22.81
CA SER B 293 -42.71 -35.81 -22.92
C SER B 293 -44.09 -36.39 -23.17
N GLN B 294 -44.23 -37.18 -24.24
CA GLN B 294 -45.53 -37.71 -24.61
C GLN B 294 -45.96 -38.86 -23.70
N THR B 295 -45.01 -39.46 -22.97
CA THR B 295 -45.36 -40.59 -22.12
C THR B 295 -46.29 -40.19 -20.98
N THR B 296 -45.93 -39.14 -20.24
CA THR B 296 -46.69 -38.72 -19.07
C THR B 296 -47.31 -37.34 -19.23
N GLY B 297 -46.49 -36.32 -19.49
CA GLY B 297 -47.01 -34.97 -19.58
C GLY B 297 -46.16 -33.94 -18.85
N PHE B 298 -45.12 -34.39 -18.16
CA PHE B 298 -44.19 -33.38 -17.65
C PHE B 298 -43.01 -33.23 -18.61
N PRO B 299 -42.46 -32.03 -18.72
CA PRO B 299 -41.27 -31.87 -19.57
C PRO B 299 -40.12 -32.73 -19.07
N SER B 300 -39.35 -33.26 -20.03
CA SER B 300 -38.30 -34.22 -19.66
C SER B 300 -37.10 -33.53 -19.04
N LEU B 301 -36.76 -32.34 -19.51
CA LEU B 301 -35.59 -31.62 -19.01
C LEU B 301 -36.00 -30.21 -18.62
N ILE B 302 -35.56 -29.78 -17.44
CA ILE B 302 -35.85 -28.44 -16.93
C ILE B 302 -34.53 -27.76 -16.60
N THR B 303 -34.37 -26.52 -17.05
CA THR B 303 -33.19 -25.74 -16.78
C THR B 303 -33.53 -24.62 -15.81
N ILE B 304 -32.79 -24.54 -14.71
CA ILE B 304 -32.96 -23.51 -13.69
C ILE B 304 -31.79 -22.55 -13.82
N PHE B 305 -31.99 -21.33 -13.33
CA PHE B 305 -30.90 -20.36 -13.25
C PHE B 305 -31.31 -19.29 -12.25
N SER B 306 -30.57 -19.17 -11.16
CA SER B 306 -30.95 -18.30 -10.06
C SER B 306 -29.83 -17.33 -9.73
N ALA B 307 -29.30 -16.66 -10.75
CA ALA B 307 -28.31 -15.60 -10.59
C ALA B 307 -28.72 -14.41 -11.45
N PRO B 308 -29.48 -13.47 -10.91
CA PRO B 308 -29.93 -12.32 -11.71
C PRO B 308 -28.77 -11.41 -12.10
N ASN B 309 -28.91 -10.77 -13.25
CA ASN B 309 -27.85 -9.94 -13.83
C ASN B 309 -26.53 -10.69 -13.89
N TYR B 310 -26.54 -11.84 -14.55
CA TYR B 310 -25.32 -12.61 -14.69
C TYR B 310 -24.26 -11.76 -15.37
N LEU B 311 -23.04 -11.78 -14.82
CA LEU B 311 -21.93 -10.96 -15.29
C LEU B 311 -22.29 -9.48 -15.33
N ASP B 312 -23.37 -9.09 -14.65
CA ASP B 312 -23.84 -7.71 -14.51
C ASP B 312 -24.25 -7.07 -15.82
N VAL B 313 -24.28 -7.82 -16.93
CA VAL B 313 -24.56 -7.23 -18.23
C VAL B 313 -25.78 -7.85 -18.92
N TYR B 314 -26.03 -9.14 -18.67
CA TYR B 314 -27.07 -9.83 -19.44
C TYR B 314 -28.47 -9.32 -19.12
N ASN B 315 -28.66 -8.71 -17.96
CA ASN B 315 -29.93 -8.10 -17.57
C ASN B 315 -31.08 -9.11 -17.70
N ASN B 316 -30.82 -10.34 -17.24
CA ASN B 316 -31.87 -11.33 -17.18
C ASN B 316 -32.57 -11.21 -15.82
N LYS B 317 -33.40 -12.21 -15.50
CA LYS B 317 -33.98 -12.31 -14.17
C LYS B 317 -34.01 -13.78 -13.78
N ALA B 318 -33.79 -14.04 -12.50
CA ALA B 318 -33.59 -15.40 -12.03
C ALA B 318 -34.92 -16.08 -11.76
N ALA B 319 -34.86 -17.34 -11.34
CA ALA B 319 -36.07 -18.10 -11.04
C ALA B 319 -35.73 -19.17 -10.02
N VAL B 320 -36.77 -19.65 -9.33
CA VAL B 320 -36.63 -20.66 -8.30
C VAL B 320 -37.82 -21.62 -8.42
N LEU B 321 -37.54 -22.85 -8.83
CA LEU B 321 -38.59 -23.85 -8.88
C LEU B 321 -39.00 -24.24 -7.46
N LYS B 322 -40.24 -24.66 -7.30
CA LYS B 322 -40.73 -25.14 -6.02
C LYS B 322 -41.69 -26.28 -6.26
N TYR B 323 -41.40 -27.43 -5.65
CA TYR B 323 -42.17 -28.65 -5.85
C TYR B 323 -43.01 -28.91 -4.61
N GLU B 324 -44.32 -29.04 -4.79
CA GLU B 324 -45.21 -29.30 -3.67
C GLU B 324 -46.55 -29.78 -4.20
N ASN B 325 -47.12 -30.78 -3.53
CA ASN B 325 -48.43 -31.34 -3.90
C ASN B 325 -48.47 -31.76 -5.36
N ASN B 326 -47.38 -32.41 -5.81
CA ASN B 326 -47.23 -32.88 -7.18
C ASN B 326 -47.34 -31.75 -8.21
N VAL B 327 -47.10 -30.53 -7.79
CA VAL B 327 -47.17 -29.36 -8.66
C VAL B 327 -45.86 -28.59 -8.54
N MET B 328 -45.26 -28.25 -9.68
CA MET B 328 -44.08 -27.40 -9.73
C MET B 328 -44.51 -25.98 -10.06
N ASN B 329 -44.40 -25.09 -9.09
CA ASN B 329 -44.68 -23.68 -9.30
C ASN B 329 -43.38 -22.89 -9.21
N ILE B 330 -43.24 -21.87 -10.05
CA ILE B 330 -41.97 -21.19 -10.24
C ILE B 330 -42.09 -19.78 -9.68
N ARG B 331 -41.19 -19.43 -8.78
CA ARG B 331 -41.12 -18.07 -8.23
C ARG B 331 -40.09 -17.27 -9.00
N GLN B 332 -40.49 -16.11 -9.52
CA GLN B 332 -39.57 -15.26 -10.25
C GLN B 332 -38.70 -14.51 -9.25
N PHE B 333 -37.96 -13.51 -9.72
CA PHE B 333 -36.81 -13.07 -8.94
C PHE B 333 -36.43 -11.69 -9.47
N ASN B 334 -35.50 -11.03 -8.77
CA ASN B 334 -35.03 -9.73 -9.23
C ASN B 334 -33.65 -9.46 -8.64
N CYS B 335 -32.95 -8.51 -9.25
CA CYS B 335 -31.58 -8.20 -8.84
C CYS B 335 -31.57 -7.44 -7.51
N SER B 336 -30.38 -7.02 -7.09
CA SER B 336 -30.22 -6.27 -5.85
C SER B 336 -28.87 -5.56 -5.89
N PRO B 337 -28.78 -4.37 -5.32
CA PRO B 337 -27.51 -3.62 -5.39
C PRO B 337 -26.45 -4.25 -4.50
N HIS B 338 -25.21 -3.85 -4.74
CA HIS B 338 -24.06 -4.44 -4.06
C HIS B 338 -22.91 -3.44 -4.08
N PRO B 339 -21.94 -3.59 -3.19
CA PRO B 339 -20.76 -2.71 -3.24
C PRO B 339 -19.90 -2.92 -4.47
N TYR B 340 -18.83 -2.14 -4.61
CA TYR B 340 -17.99 -2.17 -5.80
C TYR B 340 -16.56 -2.54 -5.42
N TRP B 341 -15.99 -3.49 -6.14
CA TRP B 341 -14.59 -3.86 -6.03
C TRP B 341 -13.89 -3.59 -7.34
N LEU B 342 -12.61 -3.24 -7.27
CA LEU B 342 -11.85 -3.04 -8.49
C LEU B 342 -11.59 -4.38 -9.17
N PRO B 343 -11.42 -4.39 -10.49
CA PRO B 343 -11.14 -5.66 -11.18
C PRO B 343 -9.88 -6.32 -10.64
N ASN B 344 -9.97 -7.61 -10.40
CA ASN B 344 -8.86 -8.42 -9.90
C ASN B 344 -8.35 -7.93 -8.54
N PHE B 345 -9.18 -7.18 -7.81
CA PHE B 345 -8.88 -6.74 -6.44
C PHE B 345 -7.55 -5.98 -6.37
N MET B 346 -7.50 -4.84 -7.04
CA MET B 346 -6.34 -3.95 -7.00
C MET B 346 -6.63 -2.82 -6.03
N ASP B 347 -5.68 -2.54 -5.13
CA ASP B 347 -5.80 -1.35 -4.31
C ASP B 347 -5.45 -0.11 -5.13
N VAL B 348 -5.87 1.05 -4.63
CA VAL B 348 -5.79 2.25 -5.44
C VAL B 348 -4.34 2.64 -5.73
N PHE B 349 -3.40 2.28 -4.85
CA PHE B 349 -2.00 2.59 -5.13
C PHE B 349 -1.51 1.85 -6.37
N THR B 350 -1.70 0.53 -6.40
CA THR B 350 -1.36 -0.24 -7.60
C THR B 350 -2.23 0.17 -8.77
N TRP B 351 -3.41 0.71 -8.50
CA TRP B 351 -4.32 1.10 -9.57
C TRP B 351 -3.81 2.31 -10.31
N SER B 352 -3.36 3.33 -9.59
CA SER B 352 -3.08 4.63 -10.19
C SER B 352 -1.61 5.03 -10.15
N LEU B 353 -0.71 4.20 -9.63
CA LEU B 353 0.69 4.60 -9.56
C LEU B 353 1.34 4.75 -10.93
N PRO B 354 1.16 3.80 -11.88
CA PRO B 354 1.75 4.00 -13.21
C PRO B 354 1.30 5.30 -13.88
N PHE B 355 0.03 5.66 -13.72
CA PHE B 355 -0.45 6.92 -14.28
C PHE B 355 0.23 8.11 -13.62
N VAL B 356 0.41 8.06 -12.31
CA VAL B 356 1.11 9.13 -11.60
C VAL B 356 2.52 9.29 -12.16
N GLY B 357 3.24 8.18 -12.29
CA GLY B 357 4.59 8.25 -12.81
C GLY B 357 4.64 8.81 -14.22
N GLU B 358 3.70 8.37 -15.07
CA GLU B 358 3.69 8.84 -16.46
C GLU B 358 3.43 10.34 -16.52
N LYS B 359 2.46 10.84 -15.74
CA LYS B 359 2.16 12.26 -15.80
C LYS B 359 3.30 13.12 -15.25
N VAL B 360 3.91 12.68 -14.14
CA VAL B 360 5.03 13.43 -13.58
C VAL B 360 6.16 13.50 -14.60
N THR B 361 6.50 12.35 -15.21
CA THR B 361 7.59 12.32 -16.17
C THR B 361 7.30 13.19 -17.37
N GLU B 362 6.05 13.16 -17.87
CA GLU B 362 5.69 14.00 -19.01
C GLU B 362 5.84 15.48 -18.68
N MET B 363 5.32 15.91 -17.53
CA MET B 363 5.40 17.32 -17.21
C MET B 363 6.84 17.77 -17.05
N LEU B 364 7.69 16.95 -16.42
CA LEU B 364 9.07 17.37 -16.23
C LEU B 364 9.86 17.36 -17.53
N VAL B 365 9.69 16.33 -18.37
CA VAL B 365 10.41 16.34 -19.64
C VAL B 365 9.91 17.45 -20.55
N ASN B 366 8.75 18.02 -20.26
CA ASN B 366 8.30 19.16 -21.05
C ASN B 366 8.76 20.50 -20.48
N VAL B 367 8.84 20.64 -19.17
CA VAL B 367 9.20 21.94 -18.59
C VAL B 367 10.69 22.25 -18.80
N LEU B 368 11.55 21.24 -18.74
CA LEU B 368 12.98 21.47 -18.86
C LEU B 368 13.35 22.04 -20.23
N ASN B 369 12.62 21.67 -21.27
CA ASN B 369 12.92 22.16 -22.61
C ASN B 369 11.67 22.21 -23.49
N GLY C 2 -1.87 -4.95 -36.45
CA GLY C 2 -2.20 -3.79 -35.64
C GLY C 2 -3.57 -3.87 -35.00
N VAL C 3 -4.51 -3.09 -35.52
CA VAL C 3 -5.88 -3.03 -35.03
C VAL C 3 -6.84 -3.19 -36.19
N GLN C 4 -7.89 -4.00 -36.00
CA GLN C 4 -8.84 -4.32 -37.05
C GLN C 4 -10.26 -4.25 -36.50
N VAL C 5 -11.11 -3.51 -37.19
CA VAL C 5 -12.51 -3.34 -36.79
C VAL C 5 -13.37 -4.21 -37.69
N GLU C 6 -14.12 -5.13 -37.08
CA GLU C 6 -15.09 -5.97 -37.79
C GLU C 6 -16.43 -5.79 -37.09
N THR C 7 -17.28 -4.93 -37.66
CA THR C 7 -18.51 -4.53 -36.99
C THR C 7 -19.44 -5.73 -36.79
N ILE C 8 -20.30 -5.63 -35.78
CA ILE C 8 -21.33 -6.61 -35.52
C ILE C 8 -22.71 -6.07 -35.85
N SER C 9 -23.03 -4.88 -35.35
CA SER C 9 -24.33 -4.24 -35.58
C SER C 9 -24.10 -2.80 -36.02
N PRO C 10 -23.58 -2.60 -37.23
CA PRO C 10 -23.21 -1.25 -37.67
C PRO C 10 -24.43 -0.32 -37.71
N GLY C 11 -24.17 0.95 -37.41
CA GLY C 11 -25.21 1.96 -37.42
C GLY C 11 -24.94 3.04 -38.44
N ASP C 12 -25.42 4.26 -38.17
CA ASP C 12 -25.29 5.35 -39.12
C ASP C 12 -23.82 5.72 -39.30
N GLY C 13 -23.40 5.87 -40.55
CA GLY C 13 -22.05 6.25 -40.88
C GLY C 13 -21.86 7.68 -41.37
N ARG C 14 -22.84 8.56 -41.17
CA ARG C 14 -22.72 9.94 -41.64
C ARG C 14 -21.98 10.83 -40.65
N THR C 15 -21.59 10.32 -39.48
CA THR C 15 -20.87 11.09 -38.48
C THR C 15 -19.59 10.35 -38.11
N PHE C 16 -18.47 11.07 -38.13
CA PHE C 16 -17.17 10.50 -37.82
C PHE C 16 -16.50 11.28 -36.70
N PRO C 17 -15.66 10.64 -35.90
CA PRO C 17 -15.03 11.33 -34.77
C PRO C 17 -13.93 12.28 -35.24
N LYS C 18 -14.11 13.56 -34.92
CA LYS C 18 -13.10 14.56 -35.19
C LYS C 18 -11.93 14.41 -34.22
N ARG C 19 -10.86 15.14 -34.48
CA ARG C 19 -9.71 15.09 -33.59
C ARG C 19 -9.95 15.87 -32.30
N GLY C 20 -10.79 16.89 -32.35
CA GLY C 20 -10.98 17.75 -31.19
C GLY C 20 -12.21 17.45 -30.36
N GLN C 21 -12.78 16.26 -30.50
CA GLN C 21 -14.00 15.90 -29.81
C GLN C 21 -13.72 14.82 -28.77
N THR C 22 -14.71 14.57 -27.93
CA THR C 22 -14.65 13.52 -26.92
C THR C 22 -15.68 12.45 -27.25
N CYS C 23 -15.24 11.19 -27.25
CA CYS C 23 -16.07 10.06 -27.59
C CYS C 23 -16.45 9.29 -26.33
N VAL C 24 -17.72 8.89 -26.25
CA VAL C 24 -18.28 8.16 -25.13
C VAL C 24 -18.59 6.75 -25.61
N VAL C 25 -18.08 5.75 -24.89
CA VAL C 25 -18.17 4.36 -25.32
C VAL C 25 -18.42 3.46 -24.12
N HIS C 26 -19.10 2.34 -24.38
CA HIS C 26 -19.28 1.26 -23.40
C HIS C 26 -18.39 0.09 -23.78
N TYR C 27 -17.13 0.16 -23.37
CA TYR C 27 -16.19 -0.90 -23.71
C TYR C 27 -16.36 -2.09 -22.79
N THR C 28 -16.24 -3.29 -23.34
CA THR C 28 -16.30 -4.53 -22.57
C THR C 28 -15.13 -5.40 -23.00
N GLY C 29 -13.96 -5.19 -22.39
CA GLY C 29 -12.76 -5.82 -22.88
C GLY C 29 -12.57 -7.22 -22.35
N MET C 30 -11.77 -8.00 -23.08
CA MET C 30 -11.37 -9.34 -22.66
C MET C 30 -9.91 -9.53 -23.05
N LEU C 31 -9.40 -10.74 -22.83
CA LEU C 31 -8.14 -11.17 -23.40
C LEU C 31 -8.44 -11.88 -24.72
N GLU C 32 -7.41 -12.48 -25.32
CA GLU C 32 -7.62 -13.13 -26.61
C GLU C 32 -8.54 -14.33 -26.50
N ASP C 33 -8.60 -14.98 -25.34
CA ASP C 33 -9.39 -16.18 -25.16
C ASP C 33 -10.76 -15.91 -24.55
N GLY C 34 -11.17 -14.64 -24.45
CA GLY C 34 -12.48 -14.28 -23.96
C GLY C 34 -12.61 -14.13 -22.47
N LYS C 35 -11.53 -14.26 -21.70
CA LYS C 35 -11.56 -14.09 -20.25
C LYS C 35 -11.71 -12.62 -19.92
N LYS C 36 -12.93 -12.20 -19.56
CA LYS C 36 -13.21 -10.79 -19.36
C LYS C 36 -12.45 -10.25 -18.16
N PHE C 37 -11.78 -9.12 -18.34
CA PHE C 37 -11.02 -8.49 -17.26
C PHE C 37 -11.56 -7.14 -16.84
N ASP C 38 -12.34 -6.47 -17.68
CA ASP C 38 -12.93 -5.19 -17.32
C ASP C 38 -14.10 -4.90 -18.25
N SER C 39 -15.05 -4.12 -17.75
CA SER C 39 -16.20 -3.72 -18.55
C SER C 39 -16.76 -2.42 -18.01
N SER C 40 -17.40 -1.66 -18.89
CA SER C 40 -18.06 -0.42 -18.52
C SER C 40 -19.55 -0.59 -18.37
N ARG C 41 -20.03 -1.83 -18.30
CA ARG C 41 -21.40 -2.12 -17.91
C ARG C 41 -21.50 -2.76 -16.54
N ASP C 42 -20.39 -3.26 -15.99
CA ASP C 42 -20.32 -3.56 -14.57
C ASP C 42 -20.50 -2.31 -13.73
N ARG C 43 -20.20 -1.15 -14.30
CA ARG C 43 -20.61 0.14 -13.76
C ARG C 43 -21.68 0.71 -14.69
N ASN C 44 -22.52 1.57 -14.14
CA ASN C 44 -23.55 2.21 -14.95
C ASN C 44 -23.07 3.57 -15.44
N LYS C 45 -21.97 3.56 -16.20
CA LYS C 45 -21.38 4.83 -16.59
C LYS C 45 -20.56 4.71 -17.87
N PRO C 46 -20.81 5.55 -18.86
CA PRO C 46 -20.02 5.52 -20.09
C PRO C 46 -18.60 6.00 -19.84
N PHE C 47 -17.68 5.54 -20.70
CA PHE C 47 -16.29 5.97 -20.66
C PHE C 47 -16.08 7.09 -21.67
N LYS C 48 -15.53 8.21 -21.22
CA LYS C 48 -15.35 9.40 -22.03
C LYS C 48 -13.88 9.65 -22.25
N PHE C 49 -13.45 9.73 -23.51
CA PHE C 49 -12.04 9.92 -23.80
C PHE C 49 -11.88 10.86 -24.99
N MET C 50 -10.76 11.58 -25.01
CA MET C 50 -10.49 12.57 -26.04
C MET C 50 -9.33 12.11 -26.91
N LEU C 51 -9.47 12.29 -28.22
CA LEU C 51 -8.43 11.92 -29.17
C LEU C 51 -7.32 12.96 -29.18
N GLY C 52 -6.28 12.71 -29.97
CA GLY C 52 -5.16 13.61 -30.03
C GLY C 52 -4.27 13.51 -28.81
N LYS C 53 -4.81 13.89 -27.65
CA LYS C 53 -4.11 13.65 -26.40
C LYS C 53 -3.88 12.15 -26.22
N GLN C 54 -2.67 11.79 -25.81
CA GLN C 54 -2.25 10.39 -25.77
C GLN C 54 -2.34 9.87 -24.34
N GLU C 55 -3.54 9.43 -23.96
CA GLU C 55 -3.75 8.70 -22.73
C GLU C 55 -4.24 7.28 -22.96
N VAL C 56 -5.14 7.07 -23.93
CA VAL C 56 -5.55 5.71 -24.26
C VAL C 56 -4.45 5.02 -25.06
N ILE C 57 -4.47 3.68 -25.04
CA ILE C 57 -3.54 2.93 -25.85
C ILE C 57 -3.75 3.27 -27.32
N ARG C 58 -2.64 3.29 -28.09
CA ARG C 58 -2.72 3.73 -29.48
C ARG C 58 -3.68 2.88 -30.31
N GLY C 59 -3.95 1.65 -29.88
CA GLY C 59 -4.93 0.84 -30.56
C GLY C 59 -6.31 1.46 -30.56
N TRP C 60 -6.73 2.03 -29.42
CA TRP C 60 -7.96 2.80 -29.39
C TRP C 60 -7.87 3.99 -30.32
N GLU C 61 -6.74 4.70 -30.30
CA GLU C 61 -6.61 5.94 -31.07
C GLU C 61 -6.79 5.70 -32.56
N GLU C 62 -6.22 4.61 -33.08
CA GLU C 62 -6.34 4.30 -34.48
C GLU C 62 -7.37 3.21 -34.78
N GLY C 63 -8.16 2.81 -33.78
CA GLY C 63 -9.17 1.80 -34.00
C GLY C 63 -10.57 2.32 -33.75
N VAL C 64 -10.70 3.32 -32.88
CA VAL C 64 -11.98 3.97 -32.65
C VAL C 64 -12.24 5.07 -33.67
N ALA C 65 -11.18 5.65 -34.25
CA ALA C 65 -11.35 6.67 -35.26
C ALA C 65 -12.12 6.16 -36.47
N GLN C 66 -11.95 4.88 -36.81
CA GLN C 66 -12.62 4.31 -37.99
C GLN C 66 -14.11 4.13 -37.80
N MET C 67 -14.63 4.31 -36.60
CA MET C 67 -16.03 4.02 -36.32
C MET C 67 -16.92 5.21 -36.67
N SER C 68 -18.18 5.14 -36.25
CA SER C 68 -19.15 6.20 -36.45
C SER C 68 -20.12 6.20 -35.28
N VAL C 69 -21.25 6.87 -35.43
CA VAL C 69 -22.23 6.91 -34.34
C VAL C 69 -23.00 5.60 -34.30
N GLY C 70 -23.01 4.97 -33.13
CA GLY C 70 -23.82 3.79 -32.90
C GLY C 70 -23.27 2.50 -33.44
N GLN C 71 -22.11 2.52 -34.08
CA GLN C 71 -21.59 1.34 -34.76
C GLN C 71 -20.81 0.50 -33.76
N ARG C 72 -21.48 -0.46 -33.14
CA ARG C 72 -20.79 -1.42 -32.30
C ARG C 72 -19.76 -2.18 -33.12
N ALA C 73 -18.60 -2.44 -32.50
CA ALA C 73 -17.48 -3.01 -33.23
C ALA C 73 -16.84 -4.08 -32.36
N LYS C 74 -15.65 -4.51 -32.75
CA LYS C 74 -14.91 -5.51 -32.01
C LYS C 74 -13.43 -5.38 -32.38
N LEU C 75 -12.65 -4.85 -31.46
CA LEU C 75 -11.26 -4.47 -31.73
C LEU C 75 -10.35 -5.62 -31.35
N THR C 76 -9.35 -5.89 -32.18
CA THR C 76 -8.31 -6.88 -31.89
C THR C 76 -6.98 -6.14 -31.78
N ILE C 77 -6.66 -5.71 -30.57
CA ILE C 77 -5.48 -4.89 -30.33
C ILE C 77 -4.25 -5.79 -30.19
N SER C 78 -3.25 -5.57 -31.03
CA SER C 78 -2.00 -6.30 -31.01
C SER C 78 -1.13 -5.85 -29.85
N PRO C 79 -0.12 -6.63 -29.48
CA PRO C 79 0.81 -6.18 -28.42
C PRO C 79 1.59 -4.93 -28.77
N ASP C 80 1.73 -4.61 -30.05
CA ASP C 80 2.38 -3.36 -30.44
C ASP C 80 1.58 -2.15 -29.98
N TYR C 81 0.26 -2.20 -30.11
CA TYR C 81 -0.59 -1.08 -29.77
C TYR C 81 -1.30 -1.25 -28.43
N ALA C 82 -1.11 -2.38 -27.76
CA ALA C 82 -1.62 -2.59 -26.42
C ALA C 82 -0.49 -2.17 -25.49
N TYR C 83 -0.56 -2.59 -24.23
CA TYR C 83 0.42 -2.15 -23.25
C TYR C 83 1.84 -2.62 -23.58
N GLY C 84 2.00 -3.59 -24.47
CA GLY C 84 3.31 -3.92 -24.96
C GLY C 84 4.11 -4.79 -23.98
N ALA C 85 5.43 -4.67 -24.07
CA ALA C 85 6.31 -5.56 -23.31
C ALA C 85 6.13 -5.37 -21.80
N THR C 86 6.00 -4.12 -21.37
CA THR C 86 5.91 -3.85 -19.93
C THR C 86 4.62 -4.40 -19.32
N GLY C 87 3.52 -4.38 -20.07
CA GLY C 87 2.26 -4.84 -19.53
C GLY C 87 1.73 -3.88 -18.48
N HIS C 88 0.78 -4.39 -17.71
CA HIS C 88 0.16 -3.62 -16.64
C HIS C 88 0.13 -4.46 -15.37
N PRO C 89 0.75 -3.98 -14.25
CA PRO C 89 0.72 -4.70 -12.98
C PRO C 89 -0.72 -4.92 -12.51
N GLY C 90 -0.96 -6.01 -11.80
CA GLY C 90 -2.29 -6.37 -11.38
C GLY C 90 -3.20 -7.16 -12.30
N ILE C 91 -3.47 -6.66 -13.51
CA ILE C 91 -4.44 -7.27 -14.39
C ILE C 91 -3.78 -8.01 -15.55
N ILE C 92 -3.08 -7.29 -16.42
CA ILE C 92 -2.73 -7.79 -17.74
C ILE C 92 -1.30 -8.32 -17.72
N PRO C 93 -1.07 -9.56 -18.15
CA PRO C 93 0.30 -10.07 -18.24
C PRO C 93 1.03 -9.45 -19.42
N PRO C 94 2.36 -9.51 -19.43
CA PRO C 94 3.11 -8.94 -20.56
C PRO C 94 2.85 -9.70 -21.85
N HIS C 95 3.01 -8.98 -22.96
CA HIS C 95 2.80 -9.53 -24.30
C HIS C 95 1.39 -10.10 -24.45
N ALA C 96 0.41 -9.20 -24.37
CA ALA C 96 -1.00 -9.57 -24.40
C ALA C 96 -1.64 -9.03 -25.66
N THR C 97 -2.48 -9.84 -26.29
CA THR C 97 -3.34 -9.40 -27.37
C THR C 97 -4.75 -9.25 -26.83
N LEU C 98 -5.33 -8.07 -26.99
CA LEU C 98 -6.60 -7.74 -26.33
C LEU C 98 -7.73 -7.69 -27.34
N VAL C 99 -8.94 -7.89 -26.84
CA VAL C 99 -10.15 -7.86 -27.67
C VAL C 99 -11.17 -6.99 -26.96
N PHE C 100 -11.62 -5.93 -27.61
CA PHE C 100 -12.58 -5.00 -27.06
C PHE C 100 -13.89 -5.07 -27.83
N ASP C 101 -14.94 -4.54 -27.21
CA ASP C 101 -16.28 -4.51 -27.80
C ASP C 101 -16.85 -3.10 -27.71
N VAL C 102 -16.05 -2.11 -28.11
CA VAL C 102 -16.45 -0.73 -27.98
C VAL C 102 -17.74 -0.44 -28.73
N GLU C 103 -18.41 0.64 -28.35
CA GLU C 103 -19.65 1.06 -28.99
C GLU C 103 -19.78 2.57 -28.83
N LEU C 104 -19.43 3.31 -29.88
CA LEU C 104 -19.55 4.76 -29.85
C LEU C 104 -21.02 5.17 -29.85
N LEU C 105 -21.38 6.06 -28.93
CA LEU C 105 -22.77 6.47 -28.77
C LEU C 105 -23.00 7.94 -29.09
N LYS C 106 -22.21 8.83 -28.49
CA LYS C 106 -22.39 10.27 -28.67
C LYS C 106 -21.04 10.93 -28.82
N LEU C 107 -21.07 12.19 -29.24
CA LEU C 107 -19.87 13.02 -29.34
C LEU C 107 -20.17 14.39 -28.75
N GLU C 108 -19.24 14.89 -27.93
CA GLU C 108 -19.44 16.17 -27.27
C GLU C 108 -18.25 17.09 -27.44
#